data_5JBL
#
_entry.id   5JBL
#
_cell.length_a   41.745
_cell.length_b   124.041
_cell.length_c   88.959
_cell.angle_alpha   90.00
_cell.angle_beta   89.96
_cell.angle_gamma   90.00
#
_symmetry.space_group_name_H-M   'P 1 21 1'
#
loop_
_entity.id
_entity.type
_entity.pdbx_description
1 polymer 'Prohead core protein protease'
2 water water
#
_entity_poly.entity_id   1
_entity_poly.type   'polypeptide(L)'
_entity_poly.pdbx_seq_one_letter_code
;MGSSHHHHHHSSGLVPRGSMNEPQLLIETWGQPGEIIDGVPMLESHDGKDLGLKPGLYIEGIFLQAEVVNRNKRLYPKRI
LEKAVKDYINEQVLTKQALGELNAPPRANVDPMQAAIIIEDMWWKGNDVYGRARVIEGDHGPGDKLAANIRAGWIPGVAS
RGLGSLTDTNEGYRIVNEGFKLTVGVDAVWGPSAPDAWVTPKEITESQTAEADTSADDAYMALAEAMKKAL
;
_entity_poly.pdbx_strand_id   A,B,C,D,E
#
# COMPACT_ATOMS: atom_id res chain seq x y z
N ASN A 21 -31.72 10.06 -23.00
CA ASN A 21 -31.47 8.68 -22.59
C ASN A 21 -31.88 8.46 -21.14
N GLU A 22 -31.40 7.35 -20.57
CA GLU A 22 -31.61 6.93 -19.19
C GLU A 22 -30.45 7.43 -18.32
N PRO A 23 -30.60 7.43 -16.99
CA PRO A 23 -29.57 8.06 -16.15
C PRO A 23 -28.25 7.29 -16.19
N GLN A 24 -27.15 8.04 -16.34
CA GLN A 24 -25.82 7.46 -16.47
C GLN A 24 -24.83 8.25 -15.64
N LEU A 25 -23.67 7.66 -15.42
CA LEU A 25 -22.59 8.38 -14.76
C LEU A 25 -22.01 9.42 -15.72
N LEU A 26 -21.97 10.68 -15.28
CA LEU A 26 -21.42 11.78 -16.06
C LEU A 26 -20.18 12.31 -15.35
N ILE A 27 -19.02 12.12 -15.96
CA ILE A 27 -17.75 12.62 -15.47
C ILE A 27 -17.27 13.71 -16.40
N GLU A 28 -16.94 14.88 -15.86
CA GLU A 28 -16.48 16.02 -16.66
C GLU A 28 -15.13 16.47 -16.15
N THR A 29 -14.27 16.92 -17.07
CA THR A 29 -13.06 17.62 -16.69
C THR A 29 -13.26 19.12 -16.90
N TRP A 30 -12.74 19.91 -15.97
CA TRP A 30 -12.99 21.34 -15.99
C TRP A 30 -11.71 22.19 -15.95
N GLY A 31 -10.55 21.61 -16.14
CA GLY A 31 -9.33 22.40 -16.20
C GLY A 31 -8.63 22.56 -14.86
N GLN A 32 -7.69 23.51 -14.84
CA GLN A 32 -6.83 23.73 -13.69
C GLN A 32 -7.31 24.93 -12.90
N PRO A 33 -7.72 24.77 -11.63
CA PRO A 33 -8.12 25.94 -10.85
C PRO A 33 -6.95 26.90 -10.65
N GLY A 34 -7.27 28.19 -10.66
CA GLY A 34 -6.26 29.21 -10.76
C GLY A 34 -5.48 29.52 -9.50
N GLU A 35 -5.83 28.96 -8.35
CA GLU A 35 -5.11 29.30 -7.13
C GLU A 35 -4.79 28.06 -6.32
N ILE A 36 -3.52 27.93 -5.94
CA ILE A 36 -3.07 26.95 -4.95
C ILE A 36 -2.50 27.76 -3.79
N ILE A 37 -3.02 27.52 -2.58
CA ILE A 37 -2.66 28.34 -1.43
C ILE A 37 -2.12 27.41 -0.36
N ASP A 38 -0.85 27.56 -0.01
CA ASP A 38 -0.21 26.66 0.93
C ASP A 38 0.11 27.41 2.21
N GLY A 39 -0.29 26.84 3.35
CA GLY A 39 0.23 27.21 4.64
C GLY A 39 -0.38 28.41 5.34
N VAL A 40 -1.50 28.93 4.87
CA VAL A 40 -2.12 30.07 5.55
C VAL A 40 -2.70 29.57 6.87
N PRO A 41 -2.29 30.12 8.01
CA PRO A 41 -2.80 29.64 9.31
C PRO A 41 -4.21 30.12 9.55
N MET A 42 -5.16 29.20 9.50
CA MET A 42 -6.57 29.52 9.63
C MET A 42 -7.02 29.28 11.06
N LEU A 43 -7.96 30.10 11.50
CA LEU A 43 -8.51 29.99 12.84
C LEU A 43 -9.45 28.78 12.87
N GLU A 44 -9.05 27.74 13.61
CA GLU A 44 -9.87 26.53 13.73
C GLU A 44 -10.96 26.78 14.78
N SER A 45 -12.18 26.97 14.30
CA SER A 45 -13.31 27.22 15.18
C SER A 45 -14.25 26.02 15.23
N GLY A 52 -7.50 27.74 18.22
CA GLY A 52 -6.20 27.40 17.70
C GLY A 52 -6.03 27.71 16.23
N LEU A 53 -4.85 27.42 15.68
CA LEU A 53 -4.55 27.69 14.29
C LEU A 53 -4.17 26.40 13.57
N LYS A 54 -4.72 26.22 12.37
CA LYS A 54 -4.34 25.11 11.51
C LYS A 54 -3.94 25.64 10.14
N PRO A 55 -2.70 25.45 9.70
CA PRO A 55 -2.36 25.71 8.30
C PRO A 55 -3.00 24.64 7.41
N GLY A 56 -3.05 24.92 6.12
CA GLY A 56 -3.61 23.98 5.18
C GLY A 56 -3.17 24.28 3.76
N LEU A 57 -3.34 23.27 2.91
CA LEU A 57 -3.09 23.38 1.49
C LEU A 57 -4.44 23.40 0.80
N TYR A 58 -4.70 24.44 0.00
CA TYR A 58 -6.01 24.62 -0.62
C TYR A 58 -5.90 24.74 -2.12
N ILE A 59 -6.88 24.16 -2.82
CA ILE A 59 -7.09 24.39 -4.24
C ILE A 59 -8.33 25.28 -4.38
N GLU A 60 -8.20 26.41 -5.08
CA GLU A 60 -9.33 27.32 -5.21
C GLU A 60 -9.47 27.81 -6.65
N GLY A 61 -10.68 27.72 -7.19
CA GLY A 61 -10.96 28.26 -8.52
C GLY A 61 -12.21 27.61 -9.09
N ILE A 62 -12.28 27.60 -10.42
CA ILE A 62 -13.45 27.08 -11.12
C ILE A 62 -13.52 25.58 -10.94
N PHE A 63 -14.64 25.10 -10.38
CA PHE A 63 -14.84 23.66 -10.21
C PHE A 63 -15.84 23.09 -11.21
N LEU A 64 -16.80 23.89 -11.68
CA LEU A 64 -17.74 23.49 -12.73
C LEU A 64 -18.14 24.74 -13.50
N GLN A 65 -18.66 24.55 -14.71
CA GLN A 65 -19.07 25.66 -15.56
C GLN A 65 -20.40 25.33 -16.21
N ALA A 66 -21.33 26.29 -16.20
CA ALA A 66 -22.59 26.15 -16.89
C ALA A 66 -22.58 26.87 -18.23
N GLU A 67 -23.44 26.41 -19.14
CA GLU A 67 -23.71 27.12 -20.40
C GLU A 67 -22.49 27.18 -21.30
N VAL A 68 -21.56 26.24 -21.18
CA VAL A 68 -20.47 26.13 -22.14
C VAL A 68 -20.36 24.69 -22.59
N VAL A 69 -20.02 24.48 -23.86
CA VAL A 69 -19.74 23.14 -24.34
C VAL A 69 -18.36 22.76 -23.80
N ASN A 70 -18.31 21.74 -22.94
CA ASN A 70 -17.08 21.42 -22.23
C ASN A 70 -16.23 20.44 -23.05
N ARG A 71 -15.16 19.92 -22.44
CA ARG A 71 -14.24 19.06 -23.17
C ARG A 71 -14.91 17.78 -23.66
N ASN A 72 -15.92 17.28 -22.94
CA ASN A 72 -16.71 16.13 -23.37
C ASN A 72 -17.83 16.48 -24.34
N LYS A 73 -17.85 17.71 -24.88
CA LYS A 73 -18.90 18.15 -25.81
C LYS A 73 -20.28 18.05 -25.16
N ARG A 74 -20.36 18.43 -23.88
CA ARG A 74 -21.61 18.47 -23.13
C ARG A 74 -21.83 19.87 -22.57
N LEU A 75 -23.09 20.30 -22.52
CA LEU A 75 -23.44 21.60 -21.93
C LEU A 75 -24.37 21.40 -20.74
N TYR A 76 -24.04 22.06 -19.63
CA TYR A 76 -24.89 22.05 -18.44
C TYR A 76 -25.70 23.34 -18.37
N PRO A 77 -27.02 23.30 -18.56
CA PRO A 77 -27.82 24.52 -18.45
C PRO A 77 -27.76 25.10 -17.05
N LYS A 78 -27.85 26.43 -16.96
CA LYS A 78 -27.58 27.10 -15.69
C LYS A 78 -28.59 26.68 -14.62
N ARG A 79 -29.87 26.59 -14.99
CA ARG A 79 -30.89 26.22 -14.00
C ARG A 79 -30.67 24.81 -13.47
N ILE A 80 -30.27 23.89 -14.34
CA ILE A 80 -30.02 22.51 -13.92
C ILE A 80 -28.79 22.43 -13.03
N LEU A 81 -27.73 23.17 -13.38
CA LEU A 81 -26.53 23.15 -12.53
C LEU A 81 -26.75 23.91 -11.23
N GLU A 82 -27.54 24.98 -11.26
CA GLU A 82 -27.88 25.70 -10.02
C GLU A 82 -28.58 24.78 -9.03
N LYS A 83 -29.54 23.97 -9.51
CA LYS A 83 -30.27 23.05 -8.64
C LYS A 83 -29.36 21.96 -8.10
N ALA A 84 -28.52 21.39 -8.97
CA ALA A 84 -27.62 20.32 -8.52
C ALA A 84 -26.59 20.85 -7.52
N VAL A 85 -26.09 22.06 -7.74
CA VAL A 85 -25.08 22.62 -6.85
C VAL A 85 -25.69 22.96 -5.50
N LYS A 86 -26.89 23.54 -5.49
CA LYS A 86 -27.56 23.86 -4.23
C LYS A 86 -27.80 22.60 -3.41
N ASP A 87 -28.31 21.55 -4.05
CA ASP A 87 -28.55 20.30 -3.33
C ASP A 87 -27.25 19.68 -2.84
N TYR A 88 -26.18 19.76 -3.64
CA TYR A 88 -24.88 19.24 -3.22
C TYR A 88 -24.32 20.06 -2.06
N ILE A 89 -24.45 21.38 -2.09
CA ILE A 89 -24.01 22.19 -0.97
C ILE A 89 -24.78 21.82 0.28
N ASN A 90 -26.10 21.67 0.16
CA ASN A 90 -26.90 21.34 1.34
C ASN A 90 -26.67 19.90 1.80
N GLU A 91 -26.51 18.97 0.86
CA GLU A 91 -26.42 17.56 1.24
C GLU A 91 -25.01 17.11 1.61
N GLN A 92 -23.98 17.73 1.03
CA GLN A 92 -22.61 17.23 1.23
C GLN A 92 -21.66 18.28 1.79
N VAL A 93 -21.67 19.50 1.24
CA VAL A 93 -20.67 20.48 1.68
C VAL A 93 -20.94 20.93 3.11
N LEU A 94 -22.18 21.35 3.39
CA LEU A 94 -22.53 21.86 4.72
C LEU A 94 -22.52 20.77 5.77
N THR A 95 -22.71 19.51 5.38
CA THR A 95 -22.65 18.38 6.30
C THR A 95 -21.24 17.81 6.43
N LYS A 96 -20.24 18.42 5.77
CA LYS A 96 -18.84 18.01 5.89
C LYS A 96 -18.60 16.60 5.33
N GLN A 97 -19.27 16.29 4.21
CA GLN A 97 -19.15 15.00 3.53
C GLN A 97 -18.61 15.12 2.12
N ALA A 98 -18.25 16.32 1.67
CA ALA A 98 -17.98 16.57 0.25
C ALA A 98 -16.52 16.24 -0.10
N LEU A 99 -16.16 14.97 0.10
CA LEU A 99 -14.85 14.43 -0.25
C LEU A 99 -14.69 14.25 -1.75
N GLY A 100 -13.43 14.27 -2.20
CA GLY A 100 -13.11 13.87 -3.56
C GLY A 100 -11.81 13.10 -3.56
N GLU A 101 -11.51 12.49 -4.71
CA GLU A 101 -10.41 11.54 -4.83
C GLU A 101 -9.32 12.11 -5.75
N LEU A 102 -8.22 11.37 -5.86
CA LEU A 102 -7.18 11.64 -6.85
C LEU A 102 -7.36 10.65 -7.98
N ASN A 103 -7.61 11.15 -9.20
CA ASN A 103 -8.16 10.39 -10.33
C ASN A 103 -9.66 10.23 -10.18
N ALA A 104 -10.41 10.35 -11.27
CA ALA A 104 -11.86 10.21 -11.23
C ALA A 104 -12.22 8.77 -11.54
N PRO A 105 -12.74 7.99 -10.59
CA PRO A 105 -13.03 6.58 -10.84
C PRO A 105 -14.40 6.42 -11.48
N PRO A 106 -14.67 5.30 -12.13
CA PRO A 106 -15.98 5.08 -12.77
C PRO A 106 -17.09 4.67 -11.80
N ARG A 107 -17.30 5.46 -10.76
CA ARG A 107 -18.38 5.19 -9.83
C ARG A 107 -18.91 6.53 -9.35
N ALA A 108 -20.15 6.53 -8.88
CA ALA A 108 -20.82 7.77 -8.53
C ALA A 108 -20.41 8.33 -7.16
N ASN A 109 -19.97 7.49 -6.25
CA ASN A 109 -19.74 7.93 -4.88
C ASN A 109 -18.25 7.93 -4.56
N VAL A 110 -17.88 8.76 -3.59
CA VAL A 110 -16.49 8.84 -3.15
C VAL A 110 -16.25 7.69 -2.17
N ASP A 111 -15.05 7.09 -2.27
CA ASP A 111 -14.58 6.07 -1.34
C ASP A 111 -13.72 6.78 -0.31
N PRO A 112 -14.11 6.86 0.95
CA PRO A 112 -13.34 7.68 1.91
C PRO A 112 -11.91 7.18 2.15
N MET A 113 -11.65 5.90 1.91
CA MET A 113 -10.27 5.41 1.94
C MET A 113 -9.42 6.02 0.84
N GLN A 114 -10.05 6.52 -0.22
CA GLN A 114 -9.30 7.08 -1.34
C GLN A 114 -9.46 8.59 -1.45
N ALA A 115 -10.06 9.23 -0.45
CA ALA A 115 -10.28 10.66 -0.50
C ALA A 115 -8.95 11.43 -0.50
N ALA A 116 -8.88 12.46 -1.33
CA ALA A 116 -7.69 13.30 -1.36
C ALA A 116 -7.96 14.75 -1.00
N ILE A 117 -9.22 15.19 -1.11
CA ILE A 117 -9.60 16.57 -0.85
C ILE A 117 -10.96 16.58 -0.16
N ILE A 118 -11.28 17.72 0.45
CA ILE A 118 -12.63 17.96 0.93
C ILE A 118 -13.03 19.37 0.51
N ILE A 119 -14.22 19.52 -0.06
CA ILE A 119 -14.73 20.84 -0.46
C ILE A 119 -15.33 21.53 0.74
N GLU A 120 -14.86 22.74 1.02
CA GLU A 120 -15.34 23.54 2.13
C GLU A 120 -16.36 24.59 1.72
N ASP A 121 -16.36 25.02 0.46
CA ASP A 121 -17.28 26.08 0.05
C ASP A 121 -17.36 26.09 -1.47
N MET A 122 -18.53 26.45 -1.99
CA MET A 122 -18.74 26.59 -3.42
C MET A 122 -19.62 27.81 -3.62
N TRP A 123 -19.40 28.54 -4.71
CA TRP A 123 -20.20 29.73 -4.97
C TRP A 123 -20.18 30.01 -6.46
N TRP A 124 -21.15 30.81 -6.88
CA TRP A 124 -21.28 31.15 -8.30
C TRP A 124 -20.54 32.44 -8.61
N LYS A 125 -20.03 32.53 -9.83
CA LYS A 125 -19.45 33.78 -10.34
C LYS A 125 -19.76 33.80 -11.84
N GLY A 126 -20.74 34.60 -12.22
CA GLY A 126 -21.29 34.47 -13.56
C GLY A 126 -21.84 33.08 -13.79
N ASN A 127 -21.40 32.42 -14.87
CA ASN A 127 -21.86 31.08 -15.17
C ASN A 127 -20.91 30.00 -14.63
N ASP A 128 -19.95 30.37 -13.80
CA ASP A 128 -18.96 29.44 -13.30
C ASP A 128 -19.20 29.13 -11.83
N VAL A 129 -19.02 27.87 -11.46
CA VAL A 129 -19.10 27.47 -10.07
C VAL A 129 -17.66 27.47 -9.53
N TYR A 130 -17.37 28.37 -8.59
CA TYR A 130 -16.08 28.39 -7.92
C TYR A 130 -16.15 27.57 -6.63
N GLY A 131 -14.98 27.14 -6.16
CA GLY A 131 -14.97 26.51 -4.85
C GLY A 131 -13.60 26.56 -4.21
N ARG A 132 -13.57 26.14 -2.94
CA ARG A 132 -12.34 26.01 -2.16
C ARG A 132 -12.29 24.59 -1.62
N ALA A 133 -11.20 23.87 -1.90
CA ALA A 133 -11.05 22.51 -1.42
C ALA A 133 -9.76 22.38 -0.62
N ARG A 134 -9.84 21.69 0.52
CA ARG A 134 -8.67 21.43 1.34
C ARG A 134 -8.06 20.08 0.97
N VAL A 135 -6.74 20.04 0.81
CA VAL A 135 -6.07 18.77 0.54
C VAL A 135 -5.92 18.03 1.87
N ILE A 136 -6.29 16.75 1.88
CA ILE A 136 -6.18 15.98 3.10
C ILE A 136 -4.70 15.62 3.33
N GLU A 137 -4.13 16.06 4.45
CA GLU A 137 -2.74 15.74 4.72
C GLU A 137 -2.62 14.90 5.98
N GLY A 138 -1.53 14.12 6.03
CA GLY A 138 -1.25 13.22 7.12
C GLY A 138 -1.86 11.84 6.98
N ASP A 139 -2.39 11.48 5.81
CA ASP A 139 -3.13 10.24 5.68
C ASP A 139 -2.29 9.07 5.19
N HIS A 140 -1.02 9.31 4.84
CA HIS A 140 -0.18 8.31 4.20
C HIS A 140 -0.92 7.67 3.01
N GLY A 141 -1.70 8.47 2.32
CA GLY A 141 -2.50 7.98 1.21
C GLY A 141 -2.62 9.01 0.09
N PRO A 142 -3.79 9.05 -0.56
CA PRO A 142 -3.95 9.94 -1.72
C PRO A 142 -3.85 11.42 -1.37
N GLY A 143 -4.24 11.80 -0.15
CA GLY A 143 -4.10 13.20 0.24
C GLY A 143 -2.64 13.62 0.29
N ASP A 144 -1.80 12.84 0.97
CA ASP A 144 -0.37 13.15 1.01
C ASP A 144 0.24 13.06 -0.37
N LYS A 145 -0.27 12.16 -1.22
CA LYS A 145 0.25 12.08 -2.57
C LYS A 145 -0.06 13.35 -3.33
N LEU A 146 -1.32 13.78 -3.28
CA LEU A 146 -1.72 15.03 -3.92
C LEU A 146 -0.90 16.20 -3.38
N ALA A 147 -0.79 16.31 -2.06
CA ALA A 147 -0.01 17.41 -1.49
C ALA A 147 1.44 17.35 -1.96
N ALA A 148 2.03 16.15 -2.03
CA ALA A 148 3.42 16.08 -2.45
C ALA A 148 3.58 16.45 -3.92
N ASN A 149 2.64 16.00 -4.76
CA ASN A 149 2.68 16.40 -6.17
C ASN A 149 2.60 17.91 -6.29
N ILE A 150 1.67 18.53 -5.56
CA ILE A 150 1.50 19.98 -5.61
C ILE A 150 2.74 20.71 -5.12
N ARG A 151 3.35 20.23 -4.03
CA ARG A 151 4.54 20.91 -3.55
C ARG A 151 5.75 20.69 -4.45
N ALA A 152 5.77 19.65 -5.28
CA ALA A 152 6.80 19.50 -6.29
C ALA A 152 6.56 20.38 -7.52
N GLY A 153 5.39 21.00 -7.63
CA GLY A 153 5.08 21.92 -8.71
C GLY A 153 3.88 21.57 -9.55
N TRP A 154 3.24 20.42 -9.34
CA TRP A 154 2.09 20.04 -10.14
C TRP A 154 0.94 21.01 -9.92
N ILE A 155 0.32 21.45 -11.01
CA ILE A 155 -0.94 22.16 -10.96
C ILE A 155 -2.04 21.17 -11.35
N PRO A 156 -2.86 20.70 -10.41
CA PRO A 156 -3.85 19.68 -10.77
C PRO A 156 -4.98 20.24 -11.61
N GLY A 157 -5.56 19.36 -12.42
CA GLY A 157 -6.87 19.61 -12.97
C GLY A 157 -7.95 19.10 -12.06
N VAL A 158 -9.19 19.47 -12.36
CA VAL A 158 -10.31 18.98 -11.55
C VAL A 158 -11.36 18.31 -12.43
N ALA A 159 -12.08 17.36 -11.85
CA ALA A 159 -13.16 16.67 -12.51
C ALA A 159 -14.34 16.58 -11.55
N SER A 160 -15.56 16.59 -12.10
CA SER A 160 -16.77 16.38 -11.34
C SER A 160 -17.43 15.06 -11.71
N ARG A 161 -18.20 14.49 -10.79
CA ARG A 161 -19.00 13.30 -11.05
C ARG A 161 -20.46 13.55 -10.74
N GLY A 162 -21.35 13.00 -11.56
CA GLY A 162 -22.76 13.15 -11.31
C GLY A 162 -23.54 12.10 -12.06
N LEU A 163 -24.86 12.16 -11.90
CA LEU A 163 -25.79 11.23 -12.51
C LEU A 163 -26.82 12.02 -13.29
N GLY A 164 -26.97 11.69 -14.56
CA GLY A 164 -27.95 12.41 -15.35
C GLY A 164 -28.07 11.77 -16.70
N SER A 165 -28.74 12.48 -17.60
CA SER A 165 -28.93 12.01 -18.97
C SER A 165 -28.69 13.17 -19.90
N LEU A 166 -28.54 12.84 -21.18
CA LEU A 166 -28.13 13.77 -22.20
C LEU A 166 -29.15 13.78 -23.34
N THR A 167 -29.29 14.93 -23.99
CA THR A 167 -30.06 15.04 -25.22
C THR A 167 -29.12 15.49 -26.34
N ASP A 168 -29.23 14.85 -27.50
CA ASP A 168 -28.43 15.25 -28.64
C ASP A 168 -29.06 16.46 -29.33
N THR A 169 -28.21 17.32 -29.88
CA THR A 169 -28.69 18.58 -30.45
C THR A 169 -28.53 18.69 -31.95
N ASN A 170 -27.80 17.79 -32.60
CA ASN A 170 -27.46 17.87 -34.02
C ASN A 170 -26.56 19.06 -34.32
N GLU A 171 -25.90 19.62 -33.30
CA GLU A 171 -24.91 20.67 -33.48
C GLU A 171 -23.56 20.26 -32.92
N GLY A 172 -23.34 18.97 -32.74
CA GLY A 172 -22.06 18.47 -32.27
C GLY A 172 -21.88 18.44 -30.76
N TYR A 173 -22.94 18.64 -29.97
CA TYR A 173 -22.82 18.52 -28.52
C TYR A 173 -24.13 18.04 -27.92
N ARG A 174 -24.06 17.63 -26.66
CA ARG A 174 -25.22 17.11 -25.96
C ARG A 174 -25.54 18.05 -24.80
N ILE A 175 -26.82 18.14 -24.46
CA ILE A 175 -27.28 18.98 -23.36
C ILE A 175 -27.68 18.09 -22.19
N VAL A 176 -27.25 18.47 -20.99
CA VAL A 176 -27.61 17.70 -19.80
C VAL A 176 -29.07 17.97 -19.47
N ASN A 177 -29.82 16.89 -19.21
CA ASN A 177 -31.25 16.99 -18.98
C ASN A 177 -31.56 17.35 -17.53
N GLU A 178 -32.79 17.81 -17.33
CA GLU A 178 -33.31 18.11 -16.00
C GLU A 178 -33.18 16.90 -15.09
N GLY A 179 -32.89 17.16 -13.82
CA GLY A 179 -32.73 16.10 -12.83
C GLY A 179 -31.31 15.69 -12.57
N PHE A 180 -30.34 16.31 -13.22
CA PHE A 180 -28.95 15.99 -12.99
C PHE A 180 -28.63 16.15 -11.51
N LYS A 181 -27.87 15.20 -10.97
CA LYS A 181 -27.50 15.19 -9.57
C LYS A 181 -25.99 15.22 -9.47
N LEU A 182 -25.46 16.18 -8.71
CA LEU A 182 -24.02 16.26 -8.49
C LEU A 182 -23.65 15.37 -7.31
N THR A 183 -22.79 14.38 -7.52
CA THR A 183 -22.41 13.48 -6.43
C THR A 183 -20.99 13.68 -5.93
N VAL A 184 -20.06 14.14 -6.76
CA VAL A 184 -18.72 14.50 -6.33
C VAL A 184 -18.32 15.79 -7.04
N GLY A 185 -18.11 16.84 -6.25
CA GLY A 185 -17.83 18.15 -6.83
C GLY A 185 -16.46 18.24 -7.46
N VAL A 186 -15.46 17.59 -6.86
CA VAL A 186 -14.08 17.69 -7.33
C VAL A 186 -13.34 16.38 -7.06
N ASP A 187 -12.77 15.81 -8.12
CA ASP A 187 -11.63 14.92 -8.04
C ASP A 187 -10.43 15.64 -8.65
N ALA A 188 -9.25 15.45 -8.07
CA ALA A 188 -8.05 15.99 -8.71
C ALA A 188 -7.59 15.00 -9.76
N VAL A 189 -7.30 15.50 -10.96
CA VAL A 189 -7.00 14.67 -12.11
C VAL A 189 -5.86 15.27 -12.91
N TRP A 190 -5.18 14.43 -13.68
CA TRP A 190 -4.18 14.90 -14.61
C TRP A 190 -4.87 15.30 -15.91
N GLY A 191 -4.71 16.55 -16.33
CA GLY A 191 -5.47 17.08 -17.45
C GLY A 191 -5.07 16.59 -18.82
N ASN B 21 3.30 1.76 -39.93
CA ASN B 21 2.15 1.21 -39.22
C ASN B 21 1.08 2.26 -38.97
N GLU B 22 0.12 1.87 -38.13
CA GLU B 22 -0.88 2.77 -37.58
C GLU B 22 -0.39 3.27 -36.24
N PRO B 23 -1.01 4.31 -35.65
CA PRO B 23 -0.42 4.89 -34.43
C PRO B 23 -0.46 3.92 -33.26
N GLN B 24 0.67 3.81 -32.57
CA GLN B 24 0.85 2.87 -31.48
C GLN B 24 1.62 3.54 -30.35
N LEU B 25 1.60 2.90 -29.18
CA LEU B 25 2.41 3.38 -28.07
C LEU B 25 3.89 3.07 -28.31
N LEU B 26 4.75 4.07 -28.24
CA LEU B 26 6.20 3.90 -28.41
C LEU B 26 6.90 4.23 -27.10
N ILE B 27 7.50 3.22 -26.47
CA ILE B 27 8.26 3.38 -25.23
C ILE B 27 9.74 3.19 -25.54
N GLU B 28 10.58 4.11 -25.10
CA GLU B 28 12.01 4.05 -25.35
C GLU B 28 12.77 4.16 -24.05
N THR B 29 13.87 3.43 -23.93
CA THR B 29 14.81 3.66 -22.84
C THR B 29 16.01 4.44 -23.39
N TRP B 30 16.52 5.37 -22.58
CA TRP B 30 17.57 6.26 -23.05
C TRP B 30 18.80 6.26 -22.15
N GLY B 31 18.88 5.37 -21.18
CA GLY B 31 20.07 5.27 -20.38
C GLY B 31 20.00 6.09 -19.11
N GLN B 32 21.17 6.27 -18.51
CA GLN B 32 21.24 6.88 -17.19
C GLN B 32 21.65 8.32 -17.32
N PRO B 33 20.81 9.27 -16.93
CA PRO B 33 21.23 10.68 -16.99
C PRO B 33 22.41 10.91 -16.07
N GLY B 34 23.30 11.77 -16.51
CA GLY B 34 24.63 11.87 -15.92
C GLY B 34 24.74 12.61 -14.60
N GLU B 35 23.69 13.27 -14.13
CA GLU B 35 23.84 14.09 -12.93
C GLU B 35 22.64 13.89 -12.02
N ILE B 36 22.93 13.61 -10.75
CA ILE B 36 21.93 13.54 -9.69
C ILE B 36 22.36 14.53 -8.63
N ILE B 37 21.50 15.49 -8.32
CA ILE B 37 21.85 16.62 -7.48
C ILE B 37 20.87 16.65 -6.33
N ASP B 38 21.37 16.45 -5.11
CA ASP B 38 20.54 16.36 -3.93
C ASP B 38 20.76 17.58 -3.05
N GLY B 39 19.67 18.22 -2.65
CA GLY B 39 19.69 19.17 -1.58
C GLY B 39 20.08 20.60 -1.92
N VAL B 40 20.15 20.97 -3.20
CA VAL B 40 20.50 22.37 -3.48
C VAL B 40 19.32 23.26 -3.13
N PRO B 41 19.52 24.25 -2.26
CA PRO B 41 18.42 25.13 -1.85
C PRO B 41 18.14 26.18 -2.92
N MET B 42 17.02 26.00 -3.61
CA MET B 42 16.63 26.86 -4.72
C MET B 42 15.68 27.93 -4.24
N LEU B 43 15.76 29.10 -4.87
CA LEU B 43 14.90 30.22 -4.55
C LEU B 43 13.48 30.01 -5.09
N GLY B 52 11.57 32.58 -0.41
CA GLY B 52 12.03 31.49 0.43
C GLY B 52 12.89 30.49 -0.33
N LEU B 53 13.38 29.47 0.36
CA LEU B 53 14.24 28.45 -0.22
C LEU B 53 13.62 27.07 -0.05
N LYS B 54 13.65 26.26 -1.11
CA LYS B 54 13.26 24.87 -1.02
C LYS B 54 14.35 23.99 -1.62
N PRO B 55 14.93 23.07 -0.84
CA PRO B 55 15.82 22.08 -1.44
C PRO B 55 15.03 21.07 -2.28
N GLY B 56 15.77 20.32 -3.08
CA GLY B 56 15.15 19.29 -3.89
C GLY B 56 16.18 18.29 -4.36
N LEU B 57 15.68 17.14 -4.81
CA LEU B 57 16.49 16.11 -5.43
C LEU B 57 16.20 16.16 -6.92
N TYR B 58 17.24 16.36 -7.73
CA TYR B 58 17.04 16.53 -9.17
C TYR B 58 17.79 15.47 -9.96
N ILE B 59 17.16 15.01 -11.03
CA ILE B 59 17.81 14.20 -12.05
C ILE B 59 18.03 15.08 -13.28
N GLU B 60 19.27 15.17 -13.76
CA GLU B 60 19.58 16.05 -14.89
C GLU B 60 20.48 15.36 -15.90
N GLY B 61 20.11 15.45 -17.17
CA GLY B 61 20.96 14.92 -18.24
C GLY B 61 20.13 14.62 -19.47
N ILE B 62 20.64 13.69 -20.27
CA ILE B 62 20.01 13.30 -21.53
C ILE B 62 18.71 12.58 -21.24
N PHE B 63 17.60 13.09 -21.78
CA PHE B 63 16.31 12.45 -21.63
C PHE B 63 15.81 11.79 -22.92
N LEU B 64 16.23 12.28 -24.08
CA LEU B 64 15.89 11.71 -25.38
C LEU B 64 17.03 12.01 -26.35
N GLN B 65 17.10 11.22 -27.43
CA GLN B 65 18.15 11.41 -28.43
C GLN B 65 17.60 11.29 -29.83
N ALA B 66 17.96 12.23 -30.70
CA ALA B 66 17.61 12.15 -32.10
C ALA B 66 18.78 11.59 -32.90
N GLU B 67 18.44 11.05 -34.07
CA GLU B 67 19.40 10.67 -35.10
C GLU B 67 20.36 9.58 -34.64
N VAL B 68 19.93 8.73 -33.71
CA VAL B 68 20.68 7.54 -33.32
C VAL B 68 19.73 6.36 -33.26
N VAL B 69 20.23 5.19 -33.63
CA VAL B 69 19.48 3.96 -33.44
C VAL B 69 19.53 3.62 -31.95
N ASN B 70 18.38 3.63 -31.29
CA ASN B 70 18.37 3.51 -29.85
C ASN B 70 18.32 2.02 -29.48
N ARG B 71 18.13 1.75 -28.18
CA ARG B 71 18.18 0.37 -27.71
C ARG B 71 17.06 -0.47 -28.28
N ASN B 72 15.92 0.14 -28.61
CA ASN B 72 14.80 -0.54 -29.25
C ASN B 72 14.94 -0.62 -30.76
N LYS B 73 16.11 -0.29 -31.30
CA LYS B 73 16.35 -0.33 -32.74
C LYS B 73 15.43 0.63 -33.49
N ARG B 74 15.20 1.81 -32.88
CA ARG B 74 14.40 2.87 -33.48
C ARG B 74 15.24 4.14 -33.55
N LEU B 75 15.05 4.92 -34.60
CA LEU B 75 15.70 6.20 -34.77
C LEU B 75 14.63 7.28 -34.87
N TYR B 76 14.80 8.36 -34.11
CA TYR B 76 13.92 9.51 -34.15
C TYR B 76 14.56 10.60 -35.00
N PRO B 77 14.03 10.92 -36.18
CA PRO B 77 14.61 12.03 -36.96
C PRO B 77 14.51 13.34 -36.19
N LYS B 78 15.51 14.20 -36.38
CA LYS B 78 15.63 15.38 -35.54
C LYS B 78 14.42 16.31 -35.68
N ARG B 79 13.97 16.57 -36.91
CA ARG B 79 12.85 17.48 -37.09
C ARG B 79 11.59 16.93 -36.43
N ILE B 80 11.40 15.62 -36.45
CA ILE B 80 10.21 15.03 -35.84
C ILE B 80 10.28 15.13 -34.33
N LEU B 81 11.46 14.92 -33.74
CA LEU B 81 11.60 15.04 -32.30
C LEU B 81 11.56 16.49 -31.86
N GLU B 82 12.07 17.41 -32.69
CA GLU B 82 11.99 18.83 -32.38
C GLU B 82 10.55 19.30 -32.25
N LYS B 83 9.69 18.85 -33.18
CA LYS B 83 8.28 19.22 -33.13
C LYS B 83 7.60 18.62 -31.90
N ALA B 84 7.91 17.37 -31.58
CA ALA B 84 7.31 16.71 -30.43
C ALA B 84 7.77 17.33 -29.11
N VAL B 85 9.06 17.71 -29.03
CA VAL B 85 9.54 18.29 -27.79
C VAL B 85 8.96 19.67 -27.57
N LYS B 86 8.88 20.47 -28.65
CA LYS B 86 8.29 21.80 -28.53
C LYS B 86 6.83 21.71 -28.06
N ASP B 87 6.05 20.79 -28.62
CA ASP B 87 4.66 20.65 -28.21
C ASP B 87 4.56 20.16 -26.76
N TYR B 88 5.44 19.25 -26.36
CA TYR B 88 5.41 18.75 -24.99
C TYR B 88 5.75 19.84 -23.98
N ILE B 89 6.74 20.67 -24.30
CA ILE B 89 7.09 21.79 -23.43
C ILE B 89 5.92 22.75 -23.29
N ASN B 90 5.27 23.08 -24.41
CA ASN B 90 4.17 24.03 -24.38
C ASN B 90 2.95 23.45 -23.68
N GLU B 91 2.65 22.17 -23.92
CA GLU B 91 1.44 21.54 -23.40
C GLU B 91 1.58 21.02 -21.98
N GLN B 92 2.77 20.58 -21.58
CA GLN B 92 2.93 19.90 -20.29
C GLN B 92 3.97 20.55 -19.39
N VAL B 93 5.16 20.87 -19.91
CA VAL B 93 6.23 21.35 -19.02
C VAL B 93 5.88 22.72 -18.47
N LEU B 94 5.59 23.67 -19.36
CA LEU B 94 5.31 25.04 -18.90
C LEU B 94 4.00 25.15 -18.15
N THR B 95 3.07 24.23 -18.38
CA THR B 95 1.80 24.21 -17.66
C THR B 95 1.88 23.43 -16.36
N LYS B 96 3.06 22.91 -15.99
CA LYS B 96 3.30 22.22 -14.72
C LYS B 96 2.53 20.90 -14.65
N GLN B 97 2.48 20.19 -15.79
CA GLN B 97 1.78 18.91 -15.94
C GLN B 97 2.71 17.76 -16.30
N ALA B 98 4.02 18.01 -16.41
CA ALA B 98 4.94 17.05 -17.03
C ALA B 98 5.47 16.04 -16.01
N LEU B 99 4.53 15.28 -15.46
CA LEU B 99 4.80 14.23 -14.49
C LEU B 99 5.35 12.99 -15.19
N GLY B 100 6.09 12.19 -14.41
CA GLY B 100 6.51 10.88 -14.87
C GLY B 100 6.44 9.91 -13.71
N GLU B 101 6.54 8.60 -14.02
CA GLU B 101 6.32 7.54 -13.05
C GLU B 101 7.62 6.78 -12.79
N LEU B 102 7.56 5.84 -11.86
CA LEU B 102 8.64 4.90 -11.62
C LEU B 102 8.20 3.58 -12.25
N ASN B 103 8.98 3.10 -13.22
CA ASN B 103 8.59 2.07 -14.19
C ASN B 103 7.75 2.71 -15.29
N ALA B 104 7.97 2.29 -16.53
CA ALA B 104 7.23 2.83 -17.66
C ALA B 104 6.05 1.90 -17.91
N PRO B 105 4.82 2.33 -17.66
CA PRO B 105 3.67 1.43 -17.85
C PRO B 105 3.21 1.44 -19.29
N PRO B 106 2.42 0.41 -19.72
CA PRO B 106 1.91 0.37 -21.10
C PRO B 106 0.69 1.27 -21.29
N ARG B 107 0.88 2.55 -21.01
CA ARG B 107 -0.16 3.56 -21.11
C ARG B 107 0.46 4.82 -21.69
N ALA B 108 -0.36 5.62 -22.36
CA ALA B 108 0.18 6.84 -22.96
C ALA B 108 0.29 7.98 -21.96
N ASN B 109 -0.61 8.08 -21.00
CA ASN B 109 -0.59 9.26 -20.14
C ASN B 109 -0.14 8.89 -18.73
N VAL B 110 0.23 9.90 -17.98
CA VAL B 110 0.74 9.67 -16.63
C VAL B 110 -0.43 9.56 -15.66
N ASP B 111 -0.31 8.65 -14.70
CA ASP B 111 -1.28 8.52 -13.63
C ASP B 111 -0.74 9.31 -12.44
N PRO B 112 -1.40 10.40 -12.01
CA PRO B 112 -0.81 11.23 -10.95
C PRO B 112 -0.66 10.52 -9.61
N MET B 113 -1.47 9.48 -9.32
CA MET B 113 -1.23 8.69 -8.10
C MET B 113 0.08 7.94 -8.16
N GLN B 114 0.62 7.72 -9.35
CA GLN B 114 1.86 6.97 -9.48
C GLN B 114 3.02 7.86 -9.87
N ALA B 115 2.84 9.18 -9.88
CA ALA B 115 3.89 10.08 -10.33
C ALA B 115 5.06 10.05 -9.37
N ALA B 116 6.27 10.01 -9.94
CA ALA B 116 7.48 10.02 -9.16
C ALA B 116 8.38 11.22 -9.46
N ILE B 117 8.25 11.86 -10.62
CA ILE B 117 9.07 13.02 -10.96
C ILE B 117 8.21 14.04 -11.67
N ILE B 118 8.71 15.27 -11.73
CA ILE B 118 8.12 16.29 -12.59
C ILE B 118 9.25 16.98 -13.35
N ILE B 119 9.07 17.10 -14.66
CA ILE B 119 10.06 17.76 -15.52
C ILE B 119 9.87 19.27 -15.41
N GLU B 120 10.96 19.97 -15.05
CA GLU B 120 10.91 21.42 -14.91
C GLU B 120 11.43 22.13 -16.16
N ASP B 121 12.26 21.48 -16.97
CA ASP B 121 12.85 22.15 -18.12
C ASP B 121 13.44 21.11 -19.06
N MET B 122 13.43 21.43 -20.35
CA MET B 122 14.08 20.60 -21.37
C MET B 122 14.75 21.53 -22.35
N TRP B 123 15.89 21.09 -22.90
CA TRP B 123 16.59 21.92 -23.86
C TRP B 123 17.41 21.00 -24.75
N TRP B 124 17.82 21.52 -25.91
CA TRP B 124 18.59 20.75 -26.88
C TRP B 124 20.07 21.05 -26.71
N LYS B 125 20.90 20.03 -26.89
CA LYS B 125 22.35 20.20 -27.04
C LYS B 125 22.74 19.27 -28.19
N GLY B 126 22.94 19.84 -29.37
CA GLY B 126 23.17 19.03 -30.56
C GLY B 126 21.96 18.14 -30.85
N ASN B 127 22.21 16.84 -30.97
CA ASN B 127 21.14 15.90 -31.24
C ASN B 127 20.53 15.32 -29.97
N ASP B 128 20.91 15.83 -28.80
CA ASP B 128 20.42 15.29 -27.54
C ASP B 128 19.46 16.26 -26.88
N VAL B 129 18.38 15.71 -26.33
CA VAL B 129 17.43 16.48 -25.55
C VAL B 129 17.82 16.33 -24.09
N TYR B 130 18.21 17.44 -23.46
CA TYR B 130 18.51 17.44 -22.04
C TYR B 130 17.29 17.87 -21.24
N GLY B 131 17.29 17.54 -19.96
CA GLY B 131 16.24 18.04 -19.12
C GLY B 131 16.62 18.03 -17.65
N ARG B 132 15.76 18.65 -16.86
CA ARG B 132 15.87 18.69 -15.41
C ARG B 132 14.56 18.16 -14.84
N ALA B 133 14.63 17.12 -14.02
CA ALA B 133 13.43 16.56 -13.40
C ALA B 133 13.58 16.60 -11.88
N ARG B 134 12.53 17.06 -11.20
CA ARG B 134 12.50 17.08 -9.75
C ARG B 134 11.83 15.82 -9.24
N VAL B 135 12.45 15.16 -8.26
CA VAL B 135 11.84 13.97 -7.66
C VAL B 135 10.80 14.41 -6.64
N ILE B 136 9.60 13.82 -6.72
CA ILE B 136 8.52 14.20 -5.82
C ILE B 136 8.77 13.54 -4.46
N GLU B 137 8.93 14.34 -3.43
CA GLU B 137 9.16 13.79 -2.11
C GLU B 137 8.03 14.17 -1.17
N GLY B 138 7.89 13.34 -0.12
CA GLY B 138 6.84 13.50 0.86
C GLY B 138 5.54 12.80 0.54
N ASP B 139 5.50 11.96 -0.50
CA ASP B 139 4.24 11.38 -0.92
C ASP B 139 3.98 10.02 -0.31
N HIS B 140 4.93 9.44 0.42
CA HIS B 140 4.83 8.07 0.90
C HIS B 140 4.46 7.12 -0.24
N GLY B 141 4.97 7.41 -1.43
CA GLY B 141 4.65 6.62 -2.59
C GLY B 141 5.82 6.50 -3.54
N PRO B 142 5.54 6.51 -4.85
CA PRO B 142 6.62 6.29 -5.81
C PRO B 142 7.67 7.37 -5.76
N GLY B 143 7.29 8.60 -5.44
CA GLY B 143 8.29 9.65 -5.33
C GLY B 143 9.28 9.38 -4.22
N ASP B 144 8.76 9.08 -3.02
CA ASP B 144 9.65 8.72 -1.90
C ASP B 144 10.41 7.45 -2.20
N LYS B 145 9.81 6.52 -2.95
CA LYS B 145 10.54 5.30 -3.33
C LYS B 145 11.72 5.63 -4.22
N LEU B 146 11.50 6.43 -5.26
CA LEU B 146 12.60 6.82 -6.13
C LEU B 146 13.70 7.55 -5.35
N ALA B 147 13.32 8.51 -4.52
CA ALA B 147 14.31 9.27 -3.77
C ALA B 147 15.10 8.37 -2.84
N ALA B 148 14.44 7.44 -2.18
CA ALA B 148 15.16 6.56 -1.26
C ALA B 148 16.10 5.62 -2.01
N ASN B 149 15.66 5.11 -3.17
CA ASN B 149 16.54 4.31 -4.01
C ASN B 149 17.77 5.09 -4.40
N ILE B 150 17.57 6.33 -4.84
CA ILE B 150 18.67 7.20 -5.25
C ILE B 150 19.60 7.47 -4.08
N ARG B 151 19.04 7.74 -2.90
CA ARG B 151 19.92 8.01 -1.77
C ARG B 151 20.66 6.77 -1.29
N ALA B 152 20.16 5.57 -1.60
CA ALA B 152 20.93 4.36 -1.35
C ALA B 152 22.01 4.13 -2.41
N GLY B 153 22.00 4.89 -3.50
CA GLY B 153 23.05 4.77 -4.51
C GLY B 153 22.55 4.43 -5.89
N TRP B 154 21.27 4.16 -6.08
CA TRP B 154 20.76 3.82 -7.41
C TRP B 154 20.94 4.98 -8.37
N ILE B 155 21.43 4.69 -9.55
CA ILE B 155 21.42 5.65 -10.65
C ILE B 155 20.36 5.20 -11.63
N PRO B 156 19.21 5.86 -11.69
CA PRO B 156 18.14 5.37 -12.54
C PRO B 156 18.42 5.58 -14.02
N GLY B 157 17.82 4.73 -14.81
CA GLY B 157 17.68 5.01 -16.22
C GLY B 157 16.42 5.80 -16.44
N VAL B 158 16.28 6.34 -17.65
CA VAL B 158 15.06 7.07 -18.00
C VAL B 158 14.43 6.45 -19.25
N ALA B 159 13.10 6.57 -19.33
CA ALA B 159 12.35 6.14 -20.49
C ALA B 159 11.35 7.22 -20.86
N SER B 160 11.03 7.32 -22.15
CA SER B 160 10.00 8.23 -22.65
C SER B 160 8.84 7.44 -23.23
N ARG B 161 7.66 8.04 -23.23
CA ARG B 161 6.47 7.45 -23.82
C ARG B 161 5.88 8.41 -24.85
N GLY B 162 5.37 7.85 -25.94
CA GLY B 162 4.77 8.69 -26.94
C GLY B 162 3.90 7.86 -27.87
N LEU B 163 3.31 8.53 -28.85
CA LEU B 163 2.42 7.88 -29.80
C LEU B 163 2.94 8.15 -31.21
N GLY B 164 3.10 7.10 -31.98
CA GLY B 164 3.56 7.26 -33.35
C GLY B 164 3.51 5.95 -34.10
N SER B 165 4.15 5.96 -35.26
CA SER B 165 4.26 4.78 -36.11
C SER B 165 5.69 4.68 -36.63
N LEU B 166 6.00 3.53 -37.18
CA LEU B 166 7.36 3.17 -37.56
C LEU B 166 7.39 2.75 -39.03
N THR B 167 8.52 2.98 -39.67
CA THR B 167 8.80 2.46 -41.00
C THR B 167 9.98 1.51 -40.87
N ASP B 168 9.86 0.34 -41.49
CA ASP B 168 11.00 -0.56 -41.50
C ASP B 168 11.97 -0.13 -42.56
N THR B 169 13.26 -0.38 -42.32
CA THR B 169 14.29 0.00 -43.27
C THR B 169 14.96 -1.20 -43.92
N ASN B 170 14.69 -2.42 -43.42
CA ASN B 170 15.37 -3.65 -43.85
C ASN B 170 16.86 -3.62 -43.54
N GLU B 171 17.29 -2.74 -42.62
CA GLU B 171 18.69 -2.67 -42.23
C GLU B 171 18.87 -2.93 -40.74
N GLY B 172 17.88 -3.57 -40.11
CA GLY B 172 17.94 -3.88 -38.70
C GLY B 172 17.42 -2.81 -37.78
N TYR B 173 16.78 -1.76 -38.30
CA TYR B 173 16.16 -0.78 -37.42
C TYR B 173 14.99 -0.09 -38.12
N ARG B 174 14.19 0.59 -37.31
CA ARG B 174 12.99 1.31 -37.70
C ARG B 174 13.18 2.81 -37.54
N ILE B 175 12.50 3.59 -38.38
CA ILE B 175 12.51 5.06 -38.29
C ILE B 175 11.12 5.53 -37.86
N VAL B 176 11.08 6.45 -36.91
CA VAL B 176 9.80 6.99 -36.45
C VAL B 176 9.24 7.93 -37.50
N ASN B 177 7.95 7.77 -37.78
CA ASN B 177 7.32 8.57 -38.83
C ASN B 177 6.91 9.95 -38.32
N GLU B 178 6.65 10.84 -39.28
CA GLU B 178 6.16 12.16 -38.99
C GLU B 178 4.86 12.08 -38.19
N GLY B 179 4.68 13.01 -37.27
CA GLY B 179 3.51 13.06 -36.42
C GLY B 179 3.68 12.47 -35.04
N PHE B 180 4.87 11.96 -34.71
CA PHE B 180 5.13 11.44 -33.38
C PHE B 180 4.76 12.46 -32.32
N LYS B 181 4.10 12.00 -31.27
CA LYS B 181 3.66 12.86 -30.17
C LYS B 181 4.25 12.36 -28.87
N LEU B 182 4.94 13.25 -28.16
CA LEU B 182 5.56 12.91 -26.88
C LEU B 182 4.53 13.13 -25.77
N THR B 183 4.22 12.07 -25.02
CA THR B 183 3.19 12.17 -23.98
C THR B 183 3.74 12.08 -22.56
N VAL B 184 4.87 11.39 -22.35
CA VAL B 184 5.58 11.39 -21.08
C VAL B 184 7.07 11.47 -21.39
N GLY B 185 7.71 12.57 -20.97
CA GLY B 185 9.10 12.78 -21.32
C GLY B 185 10.05 11.86 -20.57
N VAL B 186 9.74 11.57 -19.30
CA VAL B 186 10.62 10.77 -18.45
C VAL B 186 9.82 9.93 -17.46
N ASP B 187 10.04 8.61 -17.49
CA ASP B 187 9.77 7.70 -16.38
C ASP B 187 11.12 7.21 -15.87
N ALA B 188 11.24 7.03 -14.56
CA ALA B 188 12.46 6.41 -14.05
C ALA B 188 12.30 4.90 -14.15
N VAL B 189 13.33 4.22 -14.69
CA VAL B 189 13.26 2.80 -14.97
C VAL B 189 14.57 2.13 -14.58
N TRP B 190 14.48 0.82 -14.35
CA TRP B 190 15.68 0.04 -14.10
C TRP B 190 16.32 -0.28 -15.45
N GLY B 191 17.58 0.12 -15.60
CA GLY B 191 18.29 -0.01 -16.86
C GLY B 191 18.76 -1.42 -17.12
N PRO B 192 18.49 -1.93 -18.33
CA PRO B 192 18.89 -3.28 -18.70
C PRO B 192 20.30 -3.34 -19.28
N ASN C 21 18.95 -28.84 -22.02
CA ASN C 21 17.67 -28.21 -22.36
C ASN C 21 17.80 -26.72 -22.68
N GLU C 22 16.66 -26.02 -22.70
CA GLU C 22 16.56 -24.63 -23.10
C GLU C 22 16.69 -23.68 -21.91
N PRO C 23 16.96 -22.38 -22.17
CA PRO C 23 17.21 -21.44 -21.07
C PRO C 23 15.96 -21.13 -20.25
N GLN C 24 16.13 -21.15 -18.93
CA GLN C 24 15.03 -20.95 -18.00
C GLN C 24 15.48 -20.03 -16.87
N LEU C 25 14.50 -19.51 -16.14
CA LEU C 25 14.81 -18.74 -14.94
C LEU C 25 15.31 -19.70 -13.86
N LEU C 26 16.48 -19.41 -13.30
CA LEU C 26 17.10 -20.20 -12.24
C LEU C 26 17.17 -19.32 -10.99
N ILE C 27 16.40 -19.70 -9.96
CA ILE C 27 16.38 -19.01 -8.67
C ILE C 27 17.03 -19.92 -7.64
N GLU C 28 18.01 -19.39 -6.90
CA GLU C 28 18.71 -20.18 -5.90
C GLU C 28 18.63 -19.50 -4.56
N THR C 29 18.52 -20.30 -3.50
CA THR C 29 18.71 -19.79 -2.15
C THR C 29 20.10 -20.21 -1.66
N TRP C 30 20.75 -19.31 -0.94
CA TRP C 30 22.14 -19.52 -0.53
C TRP C 30 22.36 -19.38 0.98
N GLY C 31 21.32 -19.30 1.78
CA GLY C 31 21.48 -19.25 3.23
C GLY C 31 21.53 -17.84 3.77
N GLN C 32 21.97 -17.75 5.03
CA GLN C 32 21.96 -16.47 5.73
C GLN C 32 23.36 -15.90 5.73
N PRO C 33 23.58 -14.73 5.16
CA PRO C 33 24.91 -14.12 5.24
C PRO C 33 25.26 -13.80 6.69
N GLY C 34 26.52 -14.01 7.04
CA GLY C 34 26.96 -14.03 8.41
C GLY C 34 27.12 -12.69 9.09
N GLU C 35 26.92 -11.57 8.40
CA GLU C 35 27.15 -10.26 9.00
C GLU C 35 26.01 -9.31 8.67
N ILE C 36 25.46 -8.69 9.70
CA ILE C 36 24.52 -7.58 9.55
C ILE C 36 25.10 -6.42 10.33
N ILE C 37 25.31 -5.28 9.66
CA ILE C 37 26.01 -4.15 10.24
C ILE C 37 25.12 -2.92 10.16
N ASP C 38 24.71 -2.39 11.31
CA ASP C 38 23.77 -1.28 11.37
C ASP C 38 24.47 -0.05 11.90
N GLY C 39 24.31 1.07 11.19
CA GLY C 39 24.64 2.38 11.72
C GLY C 39 26.09 2.81 11.59
N VAL C 40 26.90 2.13 10.78
CA VAL C 40 28.28 2.57 10.61
C VAL C 40 28.29 3.86 9.79
N PRO C 41 28.86 4.95 10.30
CA PRO C 41 28.90 6.21 9.55
C PRO C 41 30.00 6.17 8.50
N MET C 42 29.60 6.05 7.24
CA MET C 42 30.51 5.91 6.12
C MET C 42 30.72 7.26 5.46
N LEU C 43 31.94 7.47 4.96
CA LEU C 43 32.27 8.73 4.31
C LEU C 43 31.62 8.84 2.94
N GLU C 44 30.95 9.97 2.69
CA GLU C 44 30.46 10.35 1.37
C GLU C 44 31.13 11.68 1.02
N SER C 45 32.29 11.59 0.37
CA SER C 45 33.12 12.76 0.10
C SER C 45 32.39 13.85 -0.67
N GLY C 52 30.60 15.02 5.91
CA GLY C 52 29.66 14.28 5.10
C GLY C 52 29.66 12.78 5.36
N LEU C 53 28.87 12.35 6.33
CA LEU C 53 28.77 10.95 6.73
C LEU C 53 27.34 10.48 6.60
N LYS C 54 27.17 9.26 6.08
CA LYS C 54 25.84 8.65 6.03
C LYS C 54 25.88 7.29 6.70
N PRO C 55 25.11 7.07 7.76
CA PRO C 55 24.97 5.71 8.29
C PRO C 55 24.19 4.86 7.30
N GLY C 56 24.29 3.54 7.50
CA GLY C 56 23.56 2.62 6.66
C GLY C 56 23.46 1.29 7.35
N LEU C 57 22.51 0.48 6.88
CA LEU C 57 22.33 -0.89 7.32
C LEU C 57 22.84 -1.79 6.21
N TYR C 58 23.79 -2.66 6.54
CA TYR C 58 24.43 -3.50 5.53
C TYR C 58 24.27 -4.98 5.81
N ILE C 59 24.07 -5.75 4.74
CA ILE C 59 24.14 -7.20 4.78
C ILE C 59 25.41 -7.62 4.06
N GLU C 60 26.27 -8.39 4.73
CA GLU C 60 27.54 -8.78 4.14
C GLU C 60 27.83 -10.26 4.40
N GLY C 61 28.21 -10.97 3.35
CA GLY C 61 28.64 -12.36 3.52
C GLY C 61 28.51 -13.11 2.21
N ILE C 62 28.35 -14.43 2.32
CA ILE C 62 28.26 -15.28 1.15
C ILE C 62 26.97 -15.02 0.41
N PHE C 63 27.08 -14.63 -0.86
CA PHE C 63 25.90 -14.40 -1.68
C PHE C 63 25.65 -15.51 -2.71
N LEU C 64 26.70 -16.19 -3.16
CA LEU C 64 26.59 -17.32 -4.08
C LEU C 64 27.76 -18.26 -3.83
N GLN C 65 27.60 -19.51 -4.26
CA GLN C 65 28.64 -20.52 -4.07
C GLN C 65 28.83 -21.36 -5.31
N ALA C 66 30.09 -21.56 -5.70
CA ALA C 66 30.46 -22.44 -6.80
C ALA C 66 30.87 -23.80 -6.28
N GLU C 67 30.75 -24.80 -7.16
CA GLU C 67 31.34 -26.13 -6.96
C GLU C 67 30.75 -26.84 -5.74
N VAL C 68 29.52 -26.51 -5.38
CA VAL C 68 28.81 -27.25 -4.33
C VAL C 68 27.38 -27.50 -4.80
N VAL C 69 26.85 -28.65 -4.41
CA VAL C 69 25.43 -28.93 -4.65
C VAL C 69 24.61 -28.10 -3.68
N ASN C 70 23.80 -27.18 -4.21
CA ASN C 70 23.07 -26.24 -3.36
C ASN C 70 21.71 -26.83 -2.97
N ARG C 71 20.88 -26.01 -2.33
CA ARG C 71 19.61 -26.51 -1.81
C ARG C 71 18.67 -26.96 -2.93
N ASN C 72 18.76 -26.36 -4.12
CA ASN C 72 17.97 -26.78 -5.27
C ASN C 72 18.57 -27.96 -6.01
N LYS C 73 19.58 -28.63 -5.44
CA LYS C 73 20.25 -29.75 -6.11
C LYS C 73 20.89 -29.32 -7.42
N ARG C 74 21.46 -28.12 -7.44
CA ARG C 74 22.17 -27.58 -8.60
C ARG C 74 23.59 -27.21 -8.21
N LEU C 75 24.52 -27.44 -9.13
CA LEU C 75 25.92 -27.10 -8.92
C LEU C 75 26.33 -26.09 -9.99
N TYR C 76 26.95 -24.99 -9.56
CA TYR C 76 27.47 -23.99 -10.48
C TYR C 76 28.97 -24.19 -10.65
N PRO C 77 29.45 -24.64 -11.80
CA PRO C 77 30.91 -24.79 -11.99
C PRO C 77 31.63 -23.45 -11.86
N LYS C 78 32.86 -23.49 -11.32
CA LYS C 78 33.52 -22.25 -10.93
C LYS C 78 33.76 -21.32 -12.13
N ARG C 79 34.22 -21.88 -13.25
CA ARG C 79 34.50 -21.07 -14.42
C ARG C 79 33.23 -20.36 -14.92
N ILE C 80 32.09 -21.05 -14.84
CA ILE C 80 30.84 -20.48 -15.33
C ILE C 80 30.35 -19.36 -14.42
N LEU C 81 30.43 -19.58 -13.11
CA LEU C 81 29.98 -18.53 -12.18
C LEU C 81 30.95 -17.36 -12.16
N GLU C 82 32.25 -17.62 -12.36
CA GLU C 82 33.21 -16.53 -12.45
C GLU C 82 32.86 -15.58 -13.59
N LYS C 83 32.50 -16.15 -14.75
CA LYS C 83 32.13 -15.35 -15.90
C LYS C 83 30.84 -14.58 -15.64
N ALA C 84 29.85 -15.24 -15.03
CA ALA C 84 28.57 -14.60 -14.76
C ALA C 84 28.70 -13.48 -13.74
N VAL C 85 29.54 -13.68 -12.73
CA VAL C 85 29.74 -12.65 -11.70
C VAL C 85 30.50 -11.46 -12.27
N LYS C 86 31.52 -11.72 -13.08
CA LYS C 86 32.26 -10.62 -13.70
C LYS C 86 31.34 -9.74 -14.56
N ASP C 87 30.49 -10.37 -15.37
CA ASP C 87 29.57 -9.59 -16.21
C ASP C 87 28.57 -8.83 -15.36
N TYR C 88 28.08 -9.45 -14.29
CA TYR C 88 27.13 -8.78 -13.42
C TYR C 88 27.78 -7.61 -12.69
N ILE C 89 29.03 -7.77 -12.25
CA ILE C 89 29.76 -6.66 -11.64
C ILE C 89 29.89 -5.51 -12.64
N ASN C 90 30.27 -5.83 -13.88
CA ASN C 90 30.46 -4.78 -14.87
C ASN C 90 29.14 -4.15 -15.30
N GLU C 91 28.10 -4.96 -15.44
CA GLU C 91 26.83 -4.47 -15.98
C GLU C 91 25.94 -3.83 -14.91
N GLN C 92 26.01 -4.29 -13.67
CA GLN C 92 25.04 -3.81 -12.68
C GLN C 92 25.69 -3.20 -11.45
N VAL C 93 26.69 -3.86 -10.85
CA VAL C 93 27.23 -3.36 -9.59
C VAL C 93 27.94 -2.03 -9.80
N LEU C 94 28.91 -1.98 -10.74
CA LEU C 94 29.68 -0.78 -10.96
C LEU C 94 28.86 0.35 -11.61
N THR C 95 27.76 0.02 -12.27
CA THR C 95 26.88 1.02 -12.85
C THR C 95 25.81 1.49 -11.87
N LYS C 96 25.83 0.99 -10.63
CA LYS C 96 24.90 1.39 -9.57
C LYS C 96 23.45 0.97 -9.90
N GLN C 97 23.30 -0.20 -10.51
CA GLN C 97 21.99 -0.74 -10.89
C GLN C 97 21.66 -2.06 -10.19
N ALA C 98 22.50 -2.54 -9.28
CA ALA C 98 22.39 -3.91 -8.77
C ALA C 98 21.42 -3.99 -7.60
N LEU C 99 20.16 -3.65 -7.90
CA LEU C 99 19.07 -3.73 -6.94
C LEU C 99 18.63 -5.16 -6.69
N GLY C 100 18.04 -5.37 -5.51
CA GLY C 100 17.37 -6.62 -5.22
C GLY C 100 16.12 -6.36 -4.43
N GLU C 101 15.28 -7.39 -4.31
CA GLU C 101 13.93 -7.25 -3.76
C GLU C 101 13.82 -8.04 -2.46
N LEU C 102 12.66 -7.89 -1.81
CA LEU C 102 12.29 -8.70 -0.67
C LEU C 102 11.30 -9.74 -1.19
N ASN C 103 11.67 -11.03 -1.07
CA ASN C 103 11.08 -12.17 -1.77
C ASN C 103 11.64 -12.26 -3.19
N ALA C 104 11.94 -13.47 -3.66
CA ALA C 104 12.45 -13.64 -5.01
C ALA C 104 11.26 -13.93 -5.93
N PRO C 105 10.87 -13.00 -6.79
CA PRO C 105 9.70 -13.20 -7.64
C PRO C 105 10.07 -14.02 -8.87
N PRO C 106 9.07 -14.61 -9.55
CA PRO C 106 9.38 -15.43 -10.73
C PRO C 106 9.64 -14.61 -11.99
N ARG C 107 10.61 -13.71 -11.91
CA ARG C 107 10.99 -12.94 -13.09
C ARG C 107 12.47 -12.68 -13.00
N ALA C 108 13.09 -12.42 -14.14
CA ALA C 108 14.54 -12.25 -14.20
C ALA C 108 15.02 -10.84 -13.81
N ASN C 109 14.17 -9.84 -13.96
CA ASN C 109 14.50 -8.43 -13.76
C ASN C 109 14.06 -7.95 -12.39
N VAL C 110 14.81 -7.00 -11.82
CA VAL C 110 14.36 -6.36 -10.57
C VAL C 110 13.36 -5.28 -10.92
N ASP C 111 12.32 -5.15 -10.10
CA ASP C 111 11.37 -4.07 -10.22
C ASP C 111 11.78 -2.97 -9.25
N PRO C 112 12.22 -1.80 -9.72
CA PRO C 112 12.77 -0.81 -8.78
C PRO C 112 11.74 -0.31 -7.78
N MET C 113 10.44 -0.38 -8.10
CA MET C 113 9.42 -0.07 -7.11
C MET C 113 9.40 -1.07 -5.96
N GLN C 114 9.95 -2.27 -6.16
CA GLN C 114 9.96 -3.31 -5.15
C GLN C 114 11.35 -3.55 -4.57
N ALA C 115 12.31 -2.72 -4.95
CA ALA C 115 13.69 -2.91 -4.51
C ALA C 115 13.81 -2.68 -3.00
N ALA C 116 14.58 -3.57 -2.35
CA ALA C 116 14.86 -3.44 -0.94
C ALA C 116 16.34 -3.31 -0.61
N ILE C 117 17.25 -3.71 -1.51
CA ILE C 117 18.69 -3.64 -1.27
C ILE C 117 19.38 -3.21 -2.54
N ILE C 118 20.61 -2.74 -2.38
CA ILE C 118 21.48 -2.51 -3.53
C ILE C 118 22.85 -3.09 -3.21
N ILE C 119 23.39 -3.88 -4.13
CA ILE C 119 24.71 -4.48 -3.96
C ILE C 119 25.78 -3.46 -4.30
N GLU C 120 26.70 -3.22 -3.35
CA GLU C 120 27.78 -2.26 -3.53
C GLU C 120 29.09 -2.90 -3.96
N ASP C 121 29.30 -4.18 -3.68
CA ASP C 121 30.57 -4.81 -4.01
C ASP C 121 30.40 -6.30 -3.92
N MET C 122 31.15 -7.01 -4.74
CA MET C 122 31.18 -8.47 -4.70
C MET C 122 32.61 -8.90 -4.91
N TRP C 123 33.00 -10.01 -4.27
CA TRP C 123 34.36 -10.48 -4.42
C TRP C 123 34.38 -11.99 -4.15
N TRP C 124 35.44 -12.64 -4.61
CA TRP C 124 35.61 -14.08 -4.46
C TRP C 124 36.49 -14.41 -3.26
N LYS C 125 36.16 -15.49 -2.56
CA LYS C 125 37.01 -16.04 -1.51
C LYS C 125 36.93 -17.55 -1.66
N GLY C 126 37.91 -18.14 -2.33
CA GLY C 126 37.82 -19.55 -2.68
C GLY C 126 36.70 -19.78 -3.68
N ASN C 127 35.80 -20.71 -3.34
CA ASN C 127 34.67 -21.02 -4.21
C ASN C 127 33.41 -20.24 -3.85
N ASP C 128 33.52 -19.26 -2.95
CA ASP C 128 32.37 -18.51 -2.48
C ASP C 128 32.43 -17.08 -3.00
N VAL C 129 31.28 -16.55 -3.40
CA VAL C 129 31.15 -15.16 -3.81
C VAL C 129 30.65 -14.39 -2.60
N TYR C 130 31.46 -13.47 -2.09
CA TYR C 130 31.02 -12.60 -1.00
C TYR C 130 30.50 -11.29 -1.58
N GLY C 131 29.68 -10.60 -0.79
CA GLY C 131 29.30 -9.27 -1.24
C GLY C 131 28.83 -8.43 -0.08
N ARG C 132 28.63 -7.16 -0.37
CA ARG C 132 28.08 -6.22 0.61
C ARG C 132 26.88 -5.55 -0.02
N ALA C 133 25.74 -5.60 0.67
CA ALA C 133 24.52 -4.99 0.18
C ALA C 133 24.00 -3.98 1.19
N ARG C 134 23.60 -2.83 0.71
CA ARG C 134 22.99 -1.80 1.54
C ARG C 134 21.47 -1.91 1.48
N VAL C 135 20.82 -1.88 2.64
CA VAL C 135 19.36 -1.90 2.70
C VAL C 135 18.84 -0.50 2.38
N ILE C 136 17.85 -0.43 1.50
CA ILE C 136 17.28 0.86 1.10
C ILE C 136 16.35 1.34 2.21
N GLU C 137 16.63 2.51 2.78
CA GLU C 137 15.78 3.02 3.85
C GLU C 137 15.16 4.35 3.45
N GLY C 138 14.02 4.65 4.06
CA GLY C 138 13.28 5.88 3.79
C GLY C 138 12.28 5.80 2.65
N ASP C 139 12.01 4.60 2.14
CA ASP C 139 11.17 4.47 0.95
C ASP C 139 9.72 4.21 1.26
N HIS C 140 9.36 4.02 2.54
CA HIS C 140 8.03 3.60 2.94
C HIS C 140 7.57 2.38 2.15
N GLY C 141 8.51 1.49 1.81
CA GLY C 141 8.19 0.32 1.04
C GLY C 141 9.02 -0.86 1.49
N PRO C 142 9.42 -1.70 0.53
CA PRO C 142 10.15 -2.92 0.89
C PRO C 142 11.48 -2.67 1.57
N GLY C 143 12.18 -1.58 1.27
CA GLY C 143 13.43 -1.35 1.97
C GLY C 143 13.22 -1.11 3.46
N ASP C 144 12.27 -0.23 3.80
CA ASP C 144 11.93 0.00 5.20
C ASP C 144 11.38 -1.25 5.86
N LYS C 145 10.65 -2.08 5.11
CA LYS C 145 10.15 -3.32 5.68
C LYS C 145 11.31 -4.24 6.03
N LEU C 146 12.25 -4.43 5.09
CA LEU C 146 13.43 -5.23 5.37
C LEU C 146 14.21 -4.68 6.55
N ALA C 147 14.44 -3.36 6.58
CA ALA C 147 15.20 -2.77 7.69
C ALA C 147 14.50 -3.01 9.02
N ALA C 148 13.18 -2.85 9.06
CA ALA C 148 12.48 -3.03 10.33
C ALA C 148 12.48 -4.49 10.76
N ASN C 149 12.30 -5.42 9.82
CA ASN C 149 12.40 -6.83 10.16
C ASN C 149 13.76 -7.13 10.77
N ILE C 150 14.83 -6.64 10.13
CA ILE C 150 16.18 -6.86 10.63
C ILE C 150 16.36 -6.23 12.02
N ARG C 151 15.85 -5.00 12.21
CA ARG C 151 16.04 -4.39 13.52
C ARG C 151 15.20 -5.07 14.59
N ALA C 152 14.14 -5.77 14.19
CA ALA C 152 13.43 -6.58 15.17
C ALA C 152 14.15 -7.89 15.46
N GLY C 153 15.18 -8.22 14.70
CA GLY C 153 15.98 -9.40 14.96
C GLY C 153 16.05 -10.40 13.81
N TRP C 154 15.33 -10.19 12.72
CA TRP C 154 15.37 -11.14 11.61
C TRP C 154 16.77 -11.22 11.00
N ILE C 155 17.23 -12.45 10.76
CA ILE C 155 18.40 -12.67 9.94
C ILE C 155 17.94 -13.22 8.60
N PRO C 156 17.98 -12.44 7.53
CA PRO C 156 17.45 -12.89 6.25
C PRO C 156 18.34 -13.91 5.58
N GLY C 157 17.71 -14.74 4.74
CA GLY C 157 18.42 -15.49 3.74
C GLY C 157 18.56 -14.65 2.49
N VAL C 158 19.41 -15.12 1.57
CA VAL C 158 19.54 -14.44 0.29
C VAL C 158 19.25 -15.43 -0.83
N ALA C 159 18.76 -14.89 -1.95
CA ALA C 159 18.51 -15.68 -3.14
C ALA C 159 19.09 -14.92 -4.32
N SER C 160 19.54 -15.67 -5.33
CA SER C 160 19.97 -15.09 -6.59
C SER C 160 19.00 -15.50 -7.68
N ARG C 161 18.96 -14.70 -8.75
CA ARG C 161 18.18 -14.97 -9.94
C ARG C 161 19.08 -14.97 -11.18
N GLY C 162 18.82 -15.87 -12.12
CA GLY C 162 19.61 -15.86 -13.32
C GLY C 162 18.91 -16.63 -14.42
N LEU C 163 19.55 -16.67 -15.59
CA LEU C 163 19.03 -17.35 -16.75
C LEU C 163 20.04 -18.37 -17.23
N GLY C 164 19.60 -19.62 -17.40
CA GLY C 164 20.51 -20.65 -17.87
C GLY C 164 19.78 -21.94 -18.11
N SER C 165 20.57 -23.00 -18.28
CA SER C 165 20.04 -24.34 -18.50
C SER C 165 20.83 -25.33 -17.65
N LEU C 166 20.28 -26.55 -17.52
CA LEU C 166 20.80 -27.54 -16.61
C LEU C 166 21.06 -28.84 -17.35
N THR C 167 22.06 -29.58 -16.90
CA THR C 167 22.30 -30.94 -17.36
C THR C 167 22.12 -31.87 -16.18
N ASP C 168 21.37 -32.95 -16.39
CA ASP C 168 21.20 -33.94 -15.34
C ASP C 168 22.41 -34.85 -15.28
N THR C 169 22.73 -35.33 -14.09
CA THR C 169 23.88 -36.17 -13.87
C THR C 169 23.50 -37.60 -13.54
N ASN C 170 22.21 -37.87 -13.30
CA ASN C 170 21.72 -39.17 -12.85
C ASN C 170 22.29 -39.55 -11.48
N GLU C 171 22.82 -38.57 -10.76
CA GLU C 171 23.34 -38.77 -9.41
C GLU C 171 22.59 -37.90 -8.41
N GLY C 172 21.39 -37.45 -8.77
CA GLY C 172 20.58 -36.66 -7.88
C GLY C 172 20.83 -35.18 -7.93
N TYR C 173 21.57 -34.68 -8.91
CA TYR C 173 21.73 -33.23 -9.04
C TYR C 173 21.93 -32.84 -10.50
N ARG C 174 21.83 -31.54 -10.74
CA ARG C 174 21.98 -30.93 -12.04
C ARG C 174 23.18 -30.00 -12.06
N ILE C 175 23.83 -29.89 -13.22
CA ILE C 175 24.95 -28.99 -13.41
C ILE C 175 24.49 -27.83 -14.30
N VAL C 176 24.82 -26.61 -13.91
CA VAL C 176 24.48 -25.44 -14.72
C VAL C 176 25.35 -25.41 -15.96
N ASN C 177 24.74 -25.18 -17.12
CA ASN C 177 25.46 -25.23 -18.37
C ASN C 177 26.18 -23.91 -18.65
N GLU C 178 27.13 -23.97 -19.57
CA GLU C 178 27.86 -22.78 -19.99
C GLU C 178 26.88 -21.73 -20.49
N GLY C 179 27.19 -20.47 -20.21
CA GLY C 179 26.33 -19.39 -20.63
C GLY C 179 25.38 -18.86 -19.58
N PHE C 180 25.43 -19.37 -18.35
CA PHE C 180 24.59 -18.86 -17.29
C PHE C 180 24.78 -17.36 -17.15
N LYS C 181 23.68 -16.65 -16.97
CA LYS C 181 23.72 -15.21 -16.82
C LYS C 181 23.08 -14.83 -15.48
N LEU C 182 23.82 -14.08 -14.67
CA LEU C 182 23.32 -13.63 -13.38
C LEU C 182 22.55 -12.33 -13.57
N THR C 183 21.28 -12.29 -13.21
CA THR C 183 20.49 -11.08 -13.44
C THR C 183 20.15 -10.31 -12.17
N VAL C 184 20.07 -10.99 -11.02
CA VAL C 184 19.90 -10.32 -9.73
C VAL C 184 20.76 -11.06 -8.73
N GLY C 185 21.75 -10.36 -8.15
CA GLY C 185 22.69 -11.03 -7.27
C GLY C 185 22.09 -11.44 -5.94
N VAL C 186 21.21 -10.59 -5.36
CA VAL C 186 20.63 -10.84 -4.04
C VAL C 186 19.20 -10.32 -3.98
N ASP C 187 18.27 -11.21 -3.61
CA ASP C 187 16.99 -10.86 -3.01
C ASP C 187 17.02 -11.32 -1.55
N ALA C 188 16.40 -10.56 -0.65
CA ALA C 188 16.25 -11.05 0.72
C ALA C 188 15.02 -11.95 0.80
N VAL C 189 15.19 -13.13 1.41
CA VAL C 189 14.15 -14.15 1.41
C VAL C 189 14.07 -14.80 2.78
N TRP C 190 12.91 -15.37 3.07
CA TRP C 190 12.73 -16.13 4.29
C TRP C 190 13.27 -17.53 4.08
N GLY C 191 14.21 -17.95 4.93
CA GLY C 191 14.93 -19.18 4.72
C GLY C 191 14.09 -20.42 4.97
N PRO C 192 14.02 -21.30 3.96
CA PRO C 192 13.13 -22.47 3.94
C PRO C 192 13.54 -23.56 4.93
N ASN D 21 -5.61 -39.93 7.18
CA ASN D 21 -5.64 -39.23 5.91
C ASN D 21 -4.26 -38.67 5.50
N GLU D 22 -4.23 -37.76 4.49
CA GLU D 22 -3.03 -37.21 3.90
C GLU D 22 -2.62 -35.89 4.58
N PRO D 23 -1.36 -35.45 4.38
CA PRO D 23 -0.88 -34.24 5.08
C PRO D 23 -1.56 -32.99 4.58
N GLN D 24 -1.98 -32.13 5.53
CA GLN D 24 -2.69 -30.92 5.18
C GLN D 24 -2.19 -29.76 6.03
N LEU D 25 -2.55 -28.55 5.61
CA LEU D 25 -2.28 -27.37 6.43
C LEU D 25 -3.20 -27.37 7.64
N LEU D 26 -2.62 -27.26 8.83
CA LEU D 26 -3.40 -27.23 10.06
C LEU D 26 -3.18 -25.86 10.70
N ILE D 27 -4.23 -25.06 10.74
CA ILE D 27 -4.21 -23.73 11.35
C ILE D 27 -5.08 -23.81 12.60
N GLU D 28 -4.55 -23.38 13.73
CA GLU D 28 -5.27 -23.42 15.00
C GLU D 28 -5.28 -22.06 15.63
N THR D 29 -6.37 -21.70 16.30
CA THR D 29 -6.36 -20.52 17.15
C THR D 29 -6.22 -20.96 18.60
N TRP D 30 -5.48 -20.17 19.37
CA TRP D 30 -5.16 -20.55 20.74
C TRP D 30 -5.59 -19.50 21.76
N GLY D 31 -6.36 -18.50 21.36
CA GLY D 31 -6.84 -17.51 22.30
C GLY D 31 -5.90 -16.31 22.37
N GLN D 32 -6.11 -15.52 23.42
CA GLN D 32 -5.38 -14.27 23.60
C GLN D 32 -4.28 -14.47 24.63
N PRO D 33 -3.00 -14.29 24.29
CA PRO D 33 -1.94 -14.42 25.29
C PRO D 33 -2.08 -13.37 26.38
N GLY D 34 -1.73 -13.77 27.60
CA GLY D 34 -2.12 -13.00 28.78
C GLY D 34 -1.34 -11.74 29.05
N GLU D 35 -0.26 -11.47 28.32
CA GLU D 35 0.57 -10.31 28.63
C GLU D 35 0.93 -9.54 27.37
N ILE D 36 0.69 -8.22 27.41
CA ILE D 36 1.23 -7.30 26.40
C ILE D 36 2.09 -6.29 27.15
N ILE D 37 3.36 -6.18 26.75
CA ILE D 37 4.36 -5.41 27.47
C ILE D 37 4.92 -4.38 26.51
N ASP D 38 4.69 -3.10 26.79
CA ASP D 38 5.14 -2.04 25.89
C ASP D 38 6.24 -1.22 26.55
N GLY D 39 7.34 -1.03 25.83
CA GLY D 39 8.31 0.01 26.12
C GLY D 39 9.38 -0.30 27.13
N VAL D 40 9.54 -1.56 27.54
CA VAL D 40 10.59 -1.86 28.51
C VAL D 40 11.94 -1.75 27.80
N PRO D 41 12.85 -0.92 28.27
CA PRO D 41 14.16 -0.80 27.59
C PRO D 41 15.02 -2.01 27.89
N MET D 42 15.23 -2.82 26.87
CA MET D 42 15.96 -4.09 26.98
C MET D 42 17.40 -3.89 26.54
N LEU D 43 18.31 -4.66 27.16
CA LEU D 43 19.72 -4.55 26.85
C LEU D 43 20.02 -5.15 25.47
N GLU D 44 20.71 -4.38 24.63
CA GLU D 44 21.07 -4.81 23.26
C GLU D 44 22.60 -4.94 23.17
N SER D 45 23.12 -6.01 23.76
CA SER D 45 24.54 -6.30 23.66
C SER D 45 24.79 -7.80 23.53
N GLY D 52 23.77 -0.85 24.63
CA GLY D 52 22.69 0.12 24.49
C GLY D 52 21.36 -0.44 24.92
N LEU D 53 20.31 0.38 24.83
CA LEU D 53 18.96 -0.01 25.20
C LEU D 53 18.01 0.20 24.03
N LYS D 54 17.15 -0.78 23.77
CA LYS D 54 16.07 -0.62 22.80
C LYS D 54 14.76 -1.04 23.48
N PRO D 55 13.78 -0.16 23.57
CA PRO D 55 12.44 -0.60 23.98
C PRO D 55 11.80 -1.45 22.90
N GLY D 56 10.73 -2.14 23.28
CA GLY D 56 10.01 -2.95 22.32
C GLY D 56 8.62 -3.25 22.85
N LEU D 57 7.76 -3.69 21.94
CA LEU D 57 6.41 -4.10 22.26
C LEU D 57 6.36 -5.61 22.13
N TYR D 58 5.96 -6.29 23.21
CA TYR D 58 6.00 -7.75 23.28
C TYR D 58 4.64 -8.35 23.55
N ILE D 59 4.37 -9.49 22.91
CA ILE D 59 3.25 -10.36 23.25
C ILE D 59 3.84 -11.60 23.94
N GLU D 60 3.34 -11.93 25.13
CA GLU D 60 3.87 -13.08 25.85
C GLU D 60 2.75 -13.90 26.49
N GLY D 61 2.80 -15.20 26.30
CA GLY D 61 1.84 -16.07 26.94
C GLY D 61 1.71 -17.37 26.19
N ILE D 62 0.55 -18.00 26.33
CA ILE D 62 0.30 -19.30 25.72
C ILE D 62 0.21 -19.13 24.22
N PHE D 63 1.08 -19.83 23.49
CA PHE D 63 1.05 -19.83 22.03
C PHE D 63 0.49 -21.12 21.45
N LEU D 64 0.62 -22.25 22.16
CA LEU D 64 0.06 -23.53 21.74
C LEU D 64 -0.26 -24.36 22.98
N GLN D 65 -1.14 -25.34 22.81
CA GLN D 65 -1.52 -26.22 23.92
C GLN D 65 -1.60 -27.68 23.48
N ALA D 66 -1.01 -28.57 24.27
CA ALA D 66 -1.13 -30.00 24.04
C ALA D 66 -2.20 -30.59 24.95
N GLU D 67 -2.72 -31.75 24.54
CA GLU D 67 -3.59 -32.59 25.36
C GLU D 67 -4.91 -31.90 25.72
N VAL D 68 -5.36 -30.96 24.90
CA VAL D 68 -6.71 -30.39 25.06
C VAL D 68 -7.38 -30.33 23.70
N VAL D 69 -8.69 -30.55 23.68
CA VAL D 69 -9.46 -30.35 22.46
C VAL D 69 -9.62 -28.85 22.23
N ASN D 70 -9.05 -28.35 21.15
CA ASN D 70 -9.01 -26.91 20.92
C ASN D 70 -10.27 -26.48 20.18
N ARG D 71 -10.29 -25.22 19.74
CA ARG D 71 -11.48 -24.64 19.13
C ARG D 71 -11.84 -25.34 17.82
N ASN D 72 -10.87 -25.90 17.13
CA ASN D 72 -11.12 -26.67 15.90
C ASN D 72 -11.44 -28.14 16.16
N LYS D 73 -11.72 -28.54 17.40
CA LYS D 73 -12.03 -29.94 17.73
C LYS D 73 -10.84 -30.87 17.42
N ARG D 74 -9.64 -30.38 17.68
CA ARG D 74 -8.41 -31.12 17.44
C ARG D 74 -7.63 -31.19 18.73
N LEU D 75 -6.95 -32.31 18.92
CA LEU D 75 -6.08 -32.47 20.08
C LEU D 75 -4.67 -32.76 19.59
N TYR D 76 -3.69 -32.05 20.16
CA TYR D 76 -2.28 -32.29 19.85
C TYR D 76 -1.66 -33.13 20.95
N PRO D 77 -1.29 -34.39 20.69
CA PRO D 77 -0.64 -35.19 21.74
C PRO D 77 0.69 -34.56 22.15
N LYS D 78 1.03 -34.71 23.43
CA LYS D 78 2.16 -33.98 23.97
C LYS D 78 3.46 -34.39 23.29
N ARG D 79 3.66 -35.70 23.11
CA ARG D 79 4.86 -36.19 22.45
C ARG D 79 5.05 -35.57 21.06
N ILE D 80 3.96 -35.48 20.30
CA ILE D 80 4.05 -34.98 18.93
C ILE D 80 4.33 -33.49 18.90
N LEU D 81 3.69 -32.74 19.78
CA LEU D 81 3.94 -31.31 19.82
C LEU D 81 5.29 -30.99 20.42
N GLU D 82 5.77 -31.80 21.37
CA GLU D 82 7.12 -31.59 21.87
C GLU D 82 8.15 -31.72 20.76
N LYS D 83 7.99 -32.74 19.90
CA LYS D 83 8.93 -32.91 18.80
C LYS D 83 8.82 -31.77 17.80
N ALA D 84 7.60 -31.33 17.49
CA ALA D 84 7.41 -30.22 16.54
C ALA D 84 7.96 -28.90 17.09
N VAL D 85 7.79 -28.67 18.39
CA VAL D 85 8.27 -27.41 18.97
C VAL D 85 9.79 -27.40 19.02
N LYS D 86 10.39 -28.55 19.36
CA LYS D 86 11.84 -28.66 19.40
C LYS D 86 12.45 -28.37 18.02
N ASP D 87 11.87 -28.94 16.96
CA ASP D 87 12.38 -28.71 15.62
C ASP D 87 12.17 -27.25 15.20
N TYR D 88 11.03 -26.66 15.57
CA TYR D 88 10.78 -25.27 15.21
C TYR D 88 11.75 -24.33 15.93
N ILE D 89 12.06 -24.63 17.20
CA ILE D 89 13.04 -23.81 17.92
C ILE D 89 14.41 -23.88 17.25
N ASN D 90 14.84 -25.08 16.87
CA ASN D 90 16.16 -25.22 16.26
C ASN D 90 16.20 -24.63 14.85
N GLU D 91 15.14 -24.84 14.08
CA GLU D 91 15.14 -24.42 12.68
C GLU D 91 14.78 -22.96 12.49
N GLN D 92 13.95 -22.40 13.37
CA GLN D 92 13.46 -21.05 13.12
C GLN D 92 13.72 -20.09 14.26
N VAL D 93 13.42 -20.47 15.51
CA VAL D 93 13.56 -19.50 16.59
C VAL D 93 15.03 -19.14 16.80
N LEU D 94 15.88 -20.16 17.00
CA LEU D 94 17.28 -19.90 17.29
C LEU D 94 18.06 -19.35 16.10
N THR D 95 17.57 -19.57 14.88
CA THR D 95 18.20 -19.03 13.69
C THR D 95 17.66 -17.65 13.33
N LYS D 96 16.77 -17.10 14.16
CA LYS D 96 16.25 -15.74 13.98
C LYS D 96 15.39 -15.64 12.71
N GLN D 97 14.61 -16.68 12.44
CA GLN D 97 13.75 -16.79 11.28
C GLN D 97 12.27 -16.93 11.66
N ALA D 98 11.91 -16.90 12.94
CA ALA D 98 10.56 -17.29 13.37
C ALA D 98 9.58 -16.12 13.28
N LEU D 99 9.39 -15.64 12.05
CA LEU D 99 8.43 -14.57 11.77
C LEU D 99 6.99 -15.09 11.83
N GLY D 100 6.06 -14.18 12.11
CA GLY D 100 4.65 -14.47 11.97
C GLY D 100 3.96 -13.26 11.37
N GLU D 101 2.70 -13.45 10.95
CA GLU D 101 1.98 -12.43 10.19
C GLU D 101 0.78 -11.94 11.00
N LEU D 102 0.10 -10.94 10.44
CA LEU D 102 -1.16 -10.44 10.99
C LEU D 102 -2.27 -11.01 10.10
N ASN D 103 -3.17 -11.80 10.69
CA ASN D 103 -4.07 -12.75 10.02
C ASN D 103 -3.31 -14.02 9.66
N ALA D 104 -3.93 -15.18 9.80
CA ALA D 104 -3.28 -16.42 9.44
C ALA D 104 -3.68 -16.77 8.01
N PRO D 105 -2.76 -16.72 7.06
CA PRO D 105 -3.13 -16.99 5.66
C PRO D 105 -3.12 -18.48 5.39
N PRO D 106 -3.76 -18.91 4.34
CA PRO D 106 -3.77 -20.34 3.98
C PRO D 106 -2.50 -20.77 3.26
N ARG D 107 -1.37 -20.59 3.94
CA ARG D 107 -0.05 -20.94 3.43
C ARG D 107 0.75 -21.51 4.58
N ALA D 108 1.71 -22.38 4.26
CA ALA D 108 2.53 -22.97 5.31
C ALA D 108 3.67 -22.04 5.71
N ASN D 109 4.13 -21.20 4.78
CA ASN D 109 5.31 -20.36 4.94
C ASN D 109 4.91 -18.94 5.36
N VAL D 110 5.77 -18.30 6.16
CA VAL D 110 5.61 -16.87 6.43
C VAL D 110 6.18 -16.09 5.26
N ASP D 111 5.49 -15.01 4.88
CA ASP D 111 5.93 -14.10 3.85
C ASP D 111 6.61 -12.93 4.57
N PRO D 112 7.92 -12.72 4.43
CA PRO D 112 8.57 -11.67 5.24
C PRO D 112 8.09 -10.27 4.92
N MET D 113 7.56 -10.03 3.71
CA MET D 113 6.94 -8.74 3.42
C MET D 113 5.68 -8.51 4.26
N GLN D 114 5.07 -9.57 4.77
CA GLN D 114 3.86 -9.45 5.56
C GLN D 114 4.08 -9.77 7.03
N ALA D 115 5.32 -9.91 7.44
CA ALA D 115 5.62 -10.26 8.83
C ALA D 115 5.22 -9.13 9.78
N ALA D 116 4.60 -9.51 10.90
CA ALA D 116 4.23 -8.55 11.93
C ALA D 116 4.91 -8.79 13.27
N ILE D 117 5.40 -10.02 13.52
CA ILE D 117 6.05 -10.37 14.79
C ILE D 117 7.21 -11.29 14.51
N ILE D 118 8.10 -11.39 15.49
CA ILE D 118 9.15 -12.41 15.48
C ILE D 118 9.17 -13.06 16.86
N ILE D 119 9.17 -14.40 16.88
CA ILE D 119 9.24 -15.15 18.14
C ILE D 119 10.68 -15.19 18.60
N GLU D 120 10.92 -14.75 19.83
CA GLU D 120 12.26 -14.73 20.39
C GLU D 120 12.56 -15.95 21.25
N ASP D 121 11.53 -16.59 21.81
CA ASP D 121 11.75 -17.69 22.75
C ASP D 121 10.43 -18.44 22.94
N MET D 122 10.56 -19.74 23.18
CA MET D 122 9.43 -20.60 23.49
C MET D 122 9.87 -21.57 24.56
N TRP D 123 8.94 -21.93 25.45
CA TRP D 123 9.24 -22.85 26.52
C TRP D 123 7.96 -23.53 26.96
N TRP D 124 8.11 -24.65 27.65
CA TRP D 124 6.99 -25.46 28.11
C TRP D 124 6.65 -25.15 29.56
N LYS D 125 5.35 -25.14 29.85
CA LYS D 125 4.84 -25.03 31.21
C LYS D 125 3.69 -26.03 31.32
N GLY D 126 4.00 -27.23 31.83
CA GLY D 126 2.99 -28.28 31.82
C GLY D 126 2.69 -28.71 30.39
N ASN D 127 1.42 -28.65 30.02
CA ASN D 127 1.00 -28.97 28.66
C ASN D 127 0.88 -27.75 27.74
N ASP D 128 1.32 -26.58 28.20
CA ASP D 128 1.18 -25.36 27.43
C ASP D 128 2.54 -24.91 26.91
N VAL D 129 2.55 -24.44 25.67
CA VAL D 129 3.75 -23.84 25.08
C VAL D 129 3.62 -22.33 25.26
N TYR D 130 4.50 -21.75 26.06
CA TYR D 130 4.57 -20.30 26.19
C TYR D 130 5.59 -19.73 25.22
N GLY D 131 5.44 -18.44 24.93
CA GLY D 131 6.49 -17.82 24.15
C GLY D 131 6.45 -16.32 24.32
N ARG D 132 7.48 -15.70 23.76
CA ARG D 132 7.63 -14.25 23.75
C ARG D 132 7.84 -13.82 22.31
N ALA D 133 7.01 -12.91 21.81
CA ALA D 133 7.08 -12.45 20.44
C ALA D 133 7.25 -10.94 20.43
N ARG D 134 8.17 -10.45 19.61
CA ARG D 134 8.37 -9.02 19.46
C ARG D 134 7.58 -8.50 18.26
N VAL D 135 6.84 -7.41 18.46
CA VAL D 135 6.12 -6.81 17.33
C VAL D 135 7.12 -6.00 16.51
N ILE D 136 7.08 -6.20 15.19
CA ILE D 136 7.99 -5.49 14.30
C ILE D 136 7.48 -4.05 14.15
N GLU D 137 8.30 -3.08 14.52
CA GLU D 137 7.87 -1.69 14.38
C GLU D 137 8.79 -0.97 13.42
N GLY D 138 8.26 0.10 12.81
CA GLY D 138 8.97 0.92 11.86
C GLY D 138 8.87 0.45 10.43
N ASP D 139 8.00 -0.51 10.13
CA ASP D 139 8.00 -1.09 8.80
C ASP D 139 6.99 -0.43 7.87
N HIS D 140 6.16 0.47 8.39
CA HIS D 140 5.07 1.05 7.64
C HIS D 140 4.21 -0.05 7.02
N GLY D 141 4.08 -1.18 7.72
CA GLY D 141 3.35 -2.31 7.23
C GLY D 141 2.61 -3.03 8.34
N PRO D 142 2.56 -4.38 8.27
CA PRO D 142 1.79 -5.14 9.27
C PRO D 142 2.34 -5.04 10.68
N GLY D 143 3.65 -4.83 10.85
CA GLY D 143 4.14 -4.65 12.19
C GLY D 143 3.59 -3.39 12.84
N ASP D 144 3.71 -2.26 12.13
CA ASP D 144 3.16 -1.01 12.63
C ASP D 144 1.66 -1.07 12.76
N LYS D 145 0.98 -1.83 11.90
CA LYS D 145 -0.46 -1.95 12.04
C LYS D 145 -0.80 -2.67 13.32
N LEU D 146 -0.12 -3.80 13.57
CA LEU D 146 -0.31 -4.55 14.81
C LEU D 146 0.00 -3.69 16.02
N ALA D 147 1.14 -3.00 16.02
CA ALA D 147 1.51 -2.16 17.17
C ALA D 147 0.47 -1.06 17.40
N ALA D 148 -0.01 -0.43 16.33
CA ALA D 148 -0.98 0.64 16.51
C ALA D 148 -2.31 0.11 17.02
N ASN D 149 -2.75 -1.04 16.51
CA ASN D 149 -3.98 -1.67 17.02
C ASN D 149 -3.86 -1.94 18.52
N ILE D 150 -2.72 -2.50 18.92
CA ILE D 150 -2.48 -2.82 20.33
C ILE D 150 -2.45 -1.56 21.18
N ARG D 151 -1.78 -0.51 20.71
CA ARG D 151 -1.74 0.72 21.51
C ARG D 151 -3.08 1.41 21.56
N ALA D 152 -3.98 1.12 20.61
CA ALA D 152 -5.36 1.60 20.73
C ALA D 152 -6.19 0.76 21.68
N GLY D 153 -5.69 -0.37 22.14
CA GLY D 153 -6.39 -1.19 23.12
C GLY D 153 -6.69 -2.61 22.68
N TRP D 154 -6.42 -2.97 21.43
CA TRP D 154 -6.70 -4.32 20.95
C TRP D 154 -5.85 -5.34 21.69
N ILE D 155 -6.49 -6.43 22.15
CA ILE D 155 -5.76 -7.58 22.66
C ILE D 155 -5.80 -8.66 21.59
N PRO D 156 -4.69 -8.95 20.92
CA PRO D 156 -4.73 -9.91 19.81
C PRO D 156 -4.90 -11.35 20.28
N GLY D 157 -5.51 -12.17 19.41
CA GLY D 157 -5.42 -13.61 19.56
C GLY D 157 -4.22 -14.12 18.80
N VAL D 158 -3.85 -15.39 19.04
CA VAL D 158 -2.74 -16.00 18.31
C VAL D 158 -3.23 -17.26 17.61
N ALA D 159 -2.58 -17.57 16.48
CA ALA D 159 -2.84 -18.78 15.70
C ALA D 159 -1.52 -19.39 15.30
N SER D 160 -1.49 -20.72 15.18
CA SER D 160 -0.31 -21.41 14.67
C SER D 160 -0.63 -22.05 13.32
N ARG D 161 0.43 -22.27 12.52
CA ARG D 161 0.32 -22.95 11.24
C ARG D 161 1.25 -24.15 11.25
N GLY D 162 0.79 -25.25 10.66
CA GLY D 162 1.65 -26.42 10.60
C GLY D 162 1.15 -27.34 9.52
N LEU D 163 1.86 -28.46 9.37
CA LEU D 163 1.55 -29.48 8.39
C LEU D 163 1.37 -30.82 9.09
N GLY D 164 0.24 -31.48 8.83
CA GLY D 164 0.02 -32.78 9.45
C GLY D 164 -1.24 -33.44 8.95
N SER D 165 -1.64 -34.49 9.67
CA SER D 165 -2.85 -35.22 9.35
C SER D 165 -3.61 -35.50 10.64
N LEU D 166 -4.88 -35.91 10.48
CA LEU D 166 -5.78 -36.11 11.60
C LEU D 166 -6.36 -37.51 11.54
N THR D 167 -6.65 -38.06 12.73
CA THR D 167 -7.41 -39.30 12.87
C THR D 167 -8.67 -39.00 13.66
N ASP D 168 -9.80 -39.54 13.19
CA ASP D 168 -11.05 -39.34 13.90
C ASP D 168 -11.17 -40.29 15.07
N THR D 169 -11.88 -39.85 16.11
CA THR D 169 -12.04 -40.62 17.35
C THR D 169 -13.45 -41.10 17.60
N ASN D 170 -14.44 -40.65 16.83
CA ASN D 170 -15.86 -40.92 17.06
C ASN D 170 -16.33 -40.35 18.40
N GLU D 171 -15.60 -39.41 18.97
CA GLU D 171 -15.99 -38.73 20.20
C GLU D 171 -16.10 -37.22 20.04
N GLY D 172 -16.27 -36.75 18.80
CA GLY D 172 -16.45 -35.35 18.56
C GLY D 172 -15.18 -34.54 18.40
N TYR D 173 -14.02 -35.18 18.32
CA TYR D 173 -12.80 -34.46 18.06
C TYR D 173 -11.84 -35.37 17.29
N ARG D 174 -10.78 -34.76 16.76
CA ARG D 174 -9.79 -35.46 15.98
C ARG D 174 -8.43 -35.28 16.61
N ILE D 175 -7.58 -36.29 16.48
CA ILE D 175 -6.24 -36.29 17.06
C ILE D 175 -5.21 -36.10 15.95
N VAL D 176 -4.24 -35.22 16.20
CA VAL D 176 -3.16 -34.98 15.26
C VAL D 176 -2.21 -36.19 15.25
N ASN D 177 -1.85 -36.63 14.06
CA ASN D 177 -1.03 -37.82 13.91
C ASN D 177 0.45 -37.49 14.08
N GLU D 178 1.24 -38.54 14.30
CA GLU D 178 2.68 -38.39 14.39
C GLU D 178 3.23 -37.80 13.10
N GLY D 179 4.26 -36.97 13.24
CA GLY D 179 4.87 -36.32 12.10
C GLY D 179 4.43 -34.89 11.88
N PHE D 180 3.56 -34.36 12.75
CA PHE D 180 3.17 -32.97 12.64
C PHE D 180 4.38 -32.06 12.66
N LYS D 181 4.36 -31.06 11.79
CA LYS D 181 5.46 -30.13 11.62
C LYS D 181 4.93 -28.73 11.86
N LEU D 182 5.55 -28.00 12.80
CA LEU D 182 5.16 -26.62 13.08
C LEU D 182 5.93 -25.69 12.16
N THR D 183 5.22 -24.90 11.34
CA THR D 183 5.89 -24.03 10.37
C THR D 183 5.82 -22.54 10.74
N VAL D 184 4.80 -22.10 11.48
CA VAL D 184 4.71 -20.74 12.00
C VAL D 184 4.14 -20.84 13.41
N GLY D 185 4.91 -20.40 14.40
CA GLY D 185 4.46 -20.56 15.77
C GLY D 185 3.30 -19.64 16.12
N VAL D 186 3.32 -18.40 15.63
CA VAL D 186 2.33 -17.38 15.98
C VAL D 186 2.08 -16.47 14.79
N ASP D 187 0.80 -16.33 14.42
CA ASP D 187 0.26 -15.21 13.67
C ASP D 187 -0.66 -14.44 14.61
N ALA D 188 -0.70 -13.12 14.50
CA ALA D 188 -1.69 -12.38 15.27
C ALA D 188 -3.01 -12.38 14.51
N VAL D 189 -4.11 -12.73 15.21
CA VAL D 189 -5.40 -12.92 14.56
C VAL D 189 -6.51 -12.32 15.42
N TRP D 190 -7.61 -12.00 14.77
CA TRP D 190 -8.78 -11.50 15.47
C TRP D 190 -9.60 -12.71 15.92
N GLY D 191 -9.86 -12.79 17.23
CA GLY D 191 -10.55 -13.93 17.80
C GLY D 191 -12.04 -13.86 17.53
N PRO D 192 -12.65 -14.99 17.12
CA PRO D 192 -14.07 -15.04 16.74
C PRO D 192 -15.02 -14.93 17.93
N ASN E 21 -37.02 -15.90 6.63
CA ASN E 21 -35.97 -16.50 5.80
C ASN E 21 -34.76 -16.98 6.62
N GLU E 22 -33.65 -17.25 5.93
CA GLU E 22 -32.43 -17.77 6.55
C GLU E 22 -31.48 -16.64 6.91
N PRO E 23 -30.46 -16.93 7.74
CA PRO E 23 -29.56 -15.88 8.24
C PRO E 23 -28.71 -15.29 7.11
N GLN E 24 -28.61 -13.97 7.11
CA GLN E 24 -27.88 -13.27 6.07
C GLN E 24 -27.06 -12.16 6.73
N LEU E 25 -26.07 -11.65 6.00
CA LEU E 25 -25.36 -10.48 6.48
C LEU E 25 -26.24 -9.24 6.37
N LEU E 26 -26.41 -8.53 7.49
CA LEU E 26 -27.20 -7.30 7.55
C LEU E 26 -26.28 -6.13 7.86
N ILE E 27 -26.14 -5.22 6.90
CA ILE E 27 -25.35 -4.00 7.05
C ILE E 27 -26.31 -2.81 7.05
N GLU E 28 -26.19 -1.94 8.05
CA GLU E 28 -27.06 -0.80 8.19
C GLU E 28 -26.21 0.45 8.28
N THR E 29 -26.67 1.55 7.69
CA THR E 29 -26.06 2.85 7.94
C THR E 29 -26.93 3.63 8.92
N TRP E 30 -26.27 4.34 9.83
CA TRP E 30 -26.99 4.99 10.92
C TRP E 30 -26.72 6.49 11.00
N GLY E 31 -26.07 7.07 10.00
CA GLY E 31 -25.87 8.50 10.02
C GLY E 31 -24.54 8.87 10.65
N GLN E 32 -24.43 10.17 10.98
CA GLN E 32 -23.20 10.76 11.46
C GLN E 32 -23.29 10.96 12.97
N PRO E 33 -22.42 10.34 13.77
CA PRO E 33 -22.45 10.61 15.21
C PRO E 33 -22.15 12.07 15.52
N GLY E 34 -22.82 12.58 16.56
CA GLY E 34 -22.83 14.00 16.78
C GLY E 34 -21.58 14.61 17.39
N GLU E 35 -20.59 13.81 17.78
CA GLU E 35 -19.43 14.39 18.46
C GLU E 35 -18.14 13.76 17.96
N ILE E 36 -17.20 14.62 17.56
CA ILE E 36 -15.82 14.24 17.28
C ILE E 36 -14.94 14.97 18.28
N ILE E 37 -14.13 14.24 19.03
CA ILE E 37 -13.38 14.81 20.14
C ILE E 37 -11.91 14.48 19.92
N ASP E 38 -11.09 15.49 19.68
CA ASP E 38 -9.67 15.27 19.39
C ASP E 38 -8.81 15.75 20.55
N GLY E 39 -7.89 14.90 20.99
CA GLY E 39 -6.77 15.33 21.81
C GLY E 39 -7.00 15.43 23.30
N VAL E 40 -8.09 14.89 23.83
CA VAL E 40 -8.28 14.97 25.28
C VAL E 40 -7.28 14.03 25.95
N PRO E 41 -6.42 14.51 26.84
CA PRO E 41 -5.43 13.64 27.49
C PRO E 41 -6.10 12.78 28.55
N MET E 42 -6.22 11.49 28.27
CA MET E 42 -6.88 10.55 29.16
C MET E 42 -5.87 9.82 30.01
N LEU E 43 -6.30 9.49 31.23
CA LEU E 43 -5.44 8.80 32.17
C LEU E 43 -5.24 7.34 31.74
N GLU E 44 -4.07 6.81 32.05
CA GLU E 44 -3.67 5.46 31.66
C GLU E 44 -3.35 4.64 32.90
N SER E 45 -4.11 3.59 33.14
CA SER E 45 -3.88 2.71 34.28
C SER E 45 -4.49 1.33 34.04
N GLY E 52 1.01 7.29 31.84
CA GLY E 52 0.60 8.63 32.21
C GLY E 52 -0.65 9.08 31.47
N LEU E 53 -0.47 9.93 30.46
CA LEU E 53 -1.56 10.47 29.68
C LEU E 53 -1.38 10.10 28.22
N LYS E 54 -2.47 9.67 27.59
CA LYS E 54 -2.48 9.41 26.16
C LYS E 54 -3.64 10.20 25.58
N PRO E 55 -3.39 11.14 24.67
CA PRO E 55 -4.50 11.76 23.92
C PRO E 55 -5.08 10.76 22.92
N GLY E 56 -6.25 11.09 22.41
CA GLY E 56 -6.87 10.24 21.41
C GLY E 56 -7.90 11.01 20.63
N LEU E 57 -8.27 10.45 19.48
CA LEU E 57 -9.31 10.99 18.63
C LEU E 57 -10.52 10.07 18.76
N TYR E 58 -11.65 10.62 19.17
CA TYR E 58 -12.83 9.81 19.46
C TYR E 58 -14.02 10.23 18.62
N ILE E 59 -14.80 9.24 18.20
CA ILE E 59 -16.11 9.45 17.61
C ILE E 59 -17.14 9.01 18.64
N GLU E 60 -18.08 9.90 18.98
CA GLU E 60 -19.08 9.54 19.99
C GLU E 60 -20.48 9.96 19.54
N GLY E 61 -21.43 9.05 19.70
CA GLY E 61 -22.82 9.38 19.42
C GLY E 61 -23.62 8.12 19.11
N ILE E 62 -24.69 8.32 18.34
CA ILE E 62 -25.59 7.22 17.98
C ILE E 62 -24.89 6.25 17.05
N PHE E 63 -24.81 4.99 17.47
CA PHE E 63 -24.23 3.94 16.64
C PHE E 63 -25.27 2.99 16.06
N LEU E 64 -26.41 2.80 16.73
CA LEU E 64 -27.52 1.99 16.22
C LEU E 64 -28.83 2.54 16.78
N GLN E 65 -29.94 2.19 16.13
CA GLN E 65 -31.26 2.65 16.56
C GLN E 65 -32.28 1.53 16.51
N ALA E 66 -33.07 1.38 17.58
CA ALA E 66 -34.17 0.44 17.62
C ALA E 66 -35.48 1.16 17.33
N GLU E 67 -36.46 0.38 16.83
CA GLU E 67 -37.84 0.84 16.72
C GLU E 67 -37.98 2.01 15.74
N VAL E 68 -37.08 2.12 14.78
CA VAL E 68 -37.27 3.07 13.69
C VAL E 68 -37.00 2.36 12.37
N VAL E 69 -37.75 2.74 11.35
CA VAL E 69 -37.46 2.25 10.01
C VAL E 69 -36.22 2.98 9.52
N ASN E 70 -35.14 2.25 9.28
CA ASN E 70 -33.86 2.89 8.98
C ASN E 70 -33.75 3.12 7.48
N ARG E 71 -32.57 3.54 7.01
CA ARG E 71 -32.43 3.86 5.59
C ARG E 71 -32.63 2.65 4.69
N ASN E 72 -32.35 1.45 5.19
CA ASN E 72 -32.58 0.21 4.45
C ASN E 72 -34.02 -0.31 4.57
N LYS E 73 -34.95 0.47 5.10
CA LYS E 73 -36.34 0.05 5.28
C LYS E 73 -36.44 -1.18 6.17
N ARG E 74 -35.60 -1.21 7.21
CA ARG E 74 -35.57 -2.28 8.21
C ARG E 74 -35.79 -1.68 9.59
N LEU E 75 -36.49 -2.41 10.45
CA LEU E 75 -36.71 -2.01 11.82
C LEU E 75 -36.12 -3.05 12.77
N TYR E 76 -35.35 -2.58 13.76
CA TYR E 76 -34.81 -3.45 14.79
C TYR E 76 -35.66 -3.34 16.05
N PRO E 77 -36.42 -4.38 16.42
CA PRO E 77 -37.20 -4.31 17.67
C PRO E 77 -36.28 -4.14 18.86
N LYS E 78 -36.77 -3.44 19.90
CA LYS E 78 -35.87 -3.06 20.98
C LYS E 78 -35.33 -4.28 21.72
N ARG E 79 -36.16 -5.29 21.96
CA ARG E 79 -35.70 -6.45 22.73
C ARG E 79 -34.61 -7.20 21.97
N ILE E 80 -34.74 -7.29 20.64
CA ILE E 80 -33.75 -8.00 19.84
C ILE E 80 -32.44 -7.21 19.80
N LEU E 81 -32.51 -5.89 19.67
CA LEU E 81 -31.28 -5.11 19.65
C LEU E 81 -30.66 -5.04 21.04
N GLU E 82 -31.48 -5.03 22.09
CA GLU E 82 -30.96 -5.08 23.45
C GLU E 82 -30.15 -6.34 23.69
N LYS E 83 -30.65 -7.49 23.26
CA LYS E 83 -29.91 -8.73 23.44
C LYS E 83 -28.66 -8.76 22.57
N ALA E 84 -28.77 -8.30 21.32
CA ALA E 84 -27.60 -8.31 20.44
C ALA E 84 -26.54 -7.36 20.97
N VAL E 85 -26.95 -6.21 21.52
CA VAL E 85 -25.97 -5.25 22.02
C VAL E 85 -25.32 -5.79 23.29
N LYS E 86 -26.12 -6.39 24.17
CA LYS E 86 -25.57 -6.96 25.40
C LYS E 86 -24.52 -8.02 25.07
N ASP E 87 -24.82 -8.91 24.13
CA ASP E 87 -23.88 -9.97 23.78
C ASP E 87 -22.60 -9.42 23.16
N TYR E 88 -22.74 -8.38 22.34
CA TYR E 88 -21.58 -7.76 21.70
C TYR E 88 -20.68 -7.07 22.72
N ILE E 89 -21.29 -6.39 23.70
CA ILE E 89 -20.51 -5.75 24.76
C ILE E 89 -19.74 -6.80 25.56
N ASN E 90 -20.42 -7.90 25.92
CA ASN E 90 -19.72 -8.91 26.71
C ASN E 90 -18.67 -9.64 25.87
N GLU E 91 -18.98 -9.93 24.62
CA GLU E 91 -18.10 -10.76 23.81
C GLU E 91 -17.00 -9.99 23.12
N GLN E 92 -17.22 -8.72 22.77
CA GLN E 92 -16.26 -7.97 21.97
C GLN E 92 -15.77 -6.69 22.64
N VAL E 93 -16.65 -5.86 23.20
CA VAL E 93 -16.21 -4.57 23.75
C VAL E 93 -15.35 -4.77 24.99
N LEU E 94 -15.87 -5.53 25.97
CA LEU E 94 -15.16 -5.73 27.23
C LEU E 94 -13.91 -6.58 27.08
N THR E 95 -13.84 -7.42 26.05
CA THR E 95 -12.66 -8.22 25.79
C THR E 95 -11.66 -7.53 24.89
N LYS E 96 -11.93 -6.26 24.52
CA LYS E 96 -11.03 -5.42 23.71
C LYS E 96 -10.89 -5.98 22.29
N GLN E 97 -11.99 -6.47 21.73
CA GLN E 97 -11.98 -7.05 20.40
C GLN E 97 -12.84 -6.29 19.42
N ALA E 98 -13.48 -5.20 19.85
CA ALA E 98 -14.55 -4.57 19.07
C ALA E 98 -14.00 -3.56 18.06
N LEU E 99 -13.18 -4.10 17.15
CA LEU E 99 -12.62 -3.32 16.05
C LEU E 99 -13.66 -3.06 14.96
N GLY E 100 -13.45 -1.98 14.22
CA GLY E 100 -14.24 -1.71 13.04
C GLY E 100 -13.35 -1.11 11.98
N GLU E 101 -13.89 -1.03 10.75
CA GLU E 101 -13.08 -0.69 9.58
C GLU E 101 -13.54 0.63 9.00
N LEU E 102 -12.81 1.08 7.97
CA LEU E 102 -13.19 2.22 7.15
C LEU E 102 -13.77 1.65 5.86
N ASN E 103 -15.05 1.96 5.60
CA ASN E 103 -15.93 1.27 4.64
C ASN E 103 -16.46 -0.01 5.26
N ALA E 104 -17.72 -0.32 5.02
CA ALA E 104 -18.33 -1.54 5.53
C ALA E 104 -18.19 -2.64 4.47
N PRO E 105 -17.37 -3.66 4.68
CA PRO E 105 -17.16 -4.69 3.65
C PRO E 105 -18.23 -5.76 3.71
N PRO E 106 -18.41 -6.55 2.64
CA PRO E 106 -19.42 -7.61 2.64
C PRO E 106 -18.95 -8.87 3.37
N ARG E 107 -18.57 -8.70 4.63
CA ARG E 107 -18.05 -9.76 5.48
C ARG E 107 -18.63 -9.58 6.87
N ALA E 108 -18.78 -10.68 7.60
CA ALA E 108 -19.38 -10.55 8.93
C ALA E 108 -18.38 -10.07 9.97
N ASN E 109 -17.11 -10.46 9.86
CA ASN E 109 -16.18 -10.15 10.93
C ASN E 109 -15.17 -9.10 10.49
N VAL E 110 -14.59 -8.41 11.47
CA VAL E 110 -13.60 -7.37 11.19
C VAL E 110 -12.28 -8.03 10.83
N ASP E 111 -11.57 -7.42 9.88
CA ASP E 111 -10.23 -7.83 9.50
C ASP E 111 -9.25 -6.92 10.24
N PRO E 112 -8.42 -7.43 11.14
CA PRO E 112 -7.59 -6.53 11.96
C PRO E 112 -6.57 -5.74 11.16
N MET E 113 -6.14 -6.23 9.99
CA MET E 113 -5.27 -5.44 9.12
C MET E 113 -5.99 -4.21 8.56
N GLN E 114 -7.32 -4.21 8.55
CA GLN E 114 -8.10 -3.09 8.03
C GLN E 114 -8.81 -2.32 9.11
N ALA E 115 -8.54 -2.60 10.39
CA ALA E 115 -9.23 -1.92 11.46
C ALA E 115 -8.89 -0.44 11.47
N ALA E 116 -9.91 0.39 11.65
CA ALA E 116 -9.70 1.83 11.76
C ALA E 116 -10.14 2.40 13.10
N ILE E 117 -11.02 1.70 13.84
CA ILE E 117 -11.51 2.17 15.12
C ILE E 117 -11.62 0.98 16.06
N ILE E 118 -11.70 1.29 17.34
CA ILE E 118 -12.06 0.29 18.35
C ILE E 118 -13.12 0.92 19.26
N ILE E 119 -14.20 0.17 19.51
CA ILE E 119 -15.27 0.65 20.38
C ILE E 119 -14.88 0.40 21.82
N GLU E 120 -14.90 1.45 22.63
CA GLU E 120 -14.57 1.37 24.04
C GLU E 120 -15.79 1.21 24.92
N ASP E 121 -16.96 1.66 24.48
CA ASP E 121 -18.13 1.61 25.35
C ASP E 121 -19.39 1.82 24.51
N MET E 122 -20.49 1.21 24.96
CA MET E 122 -21.78 1.41 24.33
C MET E 122 -22.82 1.48 25.43
N TRP E 123 -23.85 2.31 25.22
CA TRP E 123 -24.89 2.45 26.23
C TRP E 123 -26.17 2.90 25.55
N TRP E 124 -27.30 2.70 26.23
CA TRP E 124 -28.60 3.05 25.67
C TRP E 124 -29.02 4.46 26.09
N LYS E 125 -29.78 5.11 25.22
CA LYS E 125 -30.42 6.38 25.54
C LYS E 125 -31.75 6.40 24.80
N GLY E 126 -32.85 6.21 25.53
CA GLY E 126 -34.12 5.95 24.87
C GLY E 126 -34.04 4.70 24.01
N ASN E 127 -34.42 4.84 22.74
CA ASN E 127 -34.35 3.73 21.78
C ASN E 127 -33.07 3.73 20.95
N ASP E 128 -32.08 4.52 21.34
CA ASP E 128 -30.84 4.66 20.58
C ASP E 128 -29.67 4.04 21.34
N VAL E 129 -28.78 3.38 20.59
CA VAL E 129 -27.53 2.85 21.14
C VAL E 129 -26.45 3.88 20.90
N TYR E 130 -25.92 4.46 21.99
CA TYR E 130 -24.78 5.37 21.88
C TYR E 130 -23.48 4.60 22.07
N GLY E 131 -22.39 5.18 21.58
CA GLY E 131 -21.12 4.56 21.88
C GLY E 131 -20.00 5.55 21.73
N ARG E 132 -18.81 5.12 22.14
CA ARG E 132 -17.58 5.88 22.02
C ARG E 132 -16.56 4.99 21.32
N ALA E 133 -15.99 5.48 20.22
CA ALA E 133 -14.99 4.73 19.46
C ALA E 133 -13.70 5.53 19.33
N ARG E 134 -12.58 4.87 19.56
CA ARG E 134 -11.27 5.49 19.41
C ARG E 134 -10.74 5.21 18.01
N VAL E 135 -10.24 6.25 17.34
CA VAL E 135 -9.63 6.05 16.02
C VAL E 135 -8.21 5.51 16.23
N ILE E 136 -7.87 4.45 15.50
CA ILE E 136 -6.55 3.85 15.63
C ILE E 136 -5.54 4.74 14.91
N GLU E 137 -4.56 5.29 15.64
CA GLU E 137 -3.56 6.14 15.01
C GLU E 137 -2.18 5.52 15.11
N GLY E 138 -1.32 5.91 14.17
CA GLY E 138 0.04 5.40 14.09
C GLY E 138 0.20 4.14 13.26
N ASP E 139 -0.83 3.73 12.51
CA ASP E 139 -0.74 2.46 11.80
C ASP E 139 -0.30 2.61 10.36
N HIS E 140 -0.17 3.86 9.87
CA HIS E 140 0.11 4.10 8.46
C HIS E 140 -0.86 3.32 7.58
N GLY E 141 -2.10 3.20 8.05
CA GLY E 141 -3.10 2.44 7.35
C GLY E 141 -4.47 3.08 7.48
N PRO E 142 -5.51 2.25 7.60
CA PRO E 142 -6.87 2.80 7.64
C PRO E 142 -7.13 3.69 8.83
N GLY E 143 -6.50 3.42 9.98
CA GLY E 143 -6.70 4.32 11.12
C GLY E 143 -6.17 5.72 10.87
N ASP E 144 -4.92 5.81 10.40
CA ASP E 144 -4.36 7.12 10.07
C ASP E 144 -5.13 7.80 8.95
N LYS E 145 -5.67 7.03 8.02
CA LYS E 145 -6.48 7.61 6.95
C LYS E 145 -7.75 8.22 7.50
N LEU E 146 -8.45 7.47 8.34
CA LEU E 146 -9.65 8.00 8.99
C LEU E 146 -9.31 9.24 9.81
N ALA E 147 -8.24 9.17 10.62
CA ALA E 147 -7.90 10.32 11.45
C ALA E 147 -7.59 11.54 10.59
N ALA E 148 -6.89 11.34 9.48
CA ALA E 148 -6.53 12.48 8.65
C ALA E 148 -7.74 13.07 7.95
N ASN E 149 -8.65 12.23 7.46
CA ASN E 149 -9.91 12.73 6.89
C ASN E 149 -10.65 13.58 7.90
N ILE E 150 -10.77 13.08 9.14
CA ILE E 150 -11.48 13.80 10.20
C ILE E 150 -10.80 15.12 10.50
N ARG E 151 -9.47 15.12 10.62
CA ARG E 151 -8.80 16.37 10.94
C ARG E 151 -8.84 17.35 9.78
N ALA E 152 -9.07 16.88 8.56
CA ALA E 152 -9.34 17.81 7.46
C ALA E 152 -10.78 18.32 7.48
N GLY E 153 -11.65 17.78 8.32
CA GLY E 153 -13.02 18.27 8.42
C GLY E 153 -14.10 17.25 8.14
N TRP E 154 -13.77 16.03 7.72
CA TRP E 154 -14.81 15.04 7.43
C TRP E 154 -15.55 14.66 8.71
N ILE E 155 -16.88 14.62 8.64
CA ILE E 155 -17.69 14.01 9.69
C ILE E 155 -18.15 12.65 9.17
N PRO E 156 -17.60 11.55 9.65
CA PRO E 156 -17.96 10.24 9.09
C PRO E 156 -19.37 9.81 9.49
N GLY E 157 -19.95 9.01 8.66
CA GLY E 157 -21.11 8.23 9.04
C GLY E 157 -20.66 6.92 9.65
N VAL E 158 -21.60 6.22 10.28
CA VAL E 158 -21.26 4.91 10.81
C VAL E 158 -22.21 3.85 10.26
N ALA E 159 -21.70 2.64 10.18
CA ALA E 159 -22.49 1.48 9.77
C ALA E 159 -22.21 0.34 10.73
N SER E 160 -23.22 -0.51 10.93
CA SER E 160 -23.06 -1.74 11.72
C SER E 160 -23.16 -2.95 10.80
N ARG E 161 -22.58 -4.08 11.24
CA ARG E 161 -22.70 -5.36 10.57
C ARG E 161 -23.26 -6.39 11.55
N GLY E 162 -24.10 -7.30 11.06
CA GLY E 162 -24.62 -8.36 11.90
C GLY E 162 -25.16 -9.48 11.05
N LEU E 163 -25.67 -10.51 11.72
CA LEU E 163 -26.23 -11.69 11.06
C LEU E 163 -27.65 -11.90 11.55
N GLY E 164 -28.59 -11.99 10.62
CA GLY E 164 -29.97 -12.21 11.02
C GLY E 164 -30.85 -12.42 9.81
N SER E 165 -32.15 -12.41 10.05
CA SER E 165 -33.13 -12.59 9.00
C SER E 165 -34.23 -11.56 9.19
N LEU E 166 -35.07 -11.44 8.16
CA LEU E 166 -36.07 -10.39 8.07
C LEU E 166 -37.44 -10.99 7.82
N THR E 167 -38.47 -10.31 8.31
CA THR E 167 -39.87 -10.62 7.99
C THR E 167 -40.47 -9.41 7.29
N ASP E 168 -41.20 -9.64 6.20
CA ASP E 168 -41.87 -8.54 5.50
C ASP E 168 -43.19 -8.20 6.20
N THR E 169 -43.58 -6.92 6.11
CA THR E 169 -44.74 -6.42 6.84
C THR E 169 -45.92 -6.00 5.98
N ASN E 170 -45.75 -5.84 4.68
CA ASN E 170 -46.77 -5.25 3.79
C ASN E 170 -47.07 -3.80 4.13
N GLU E 171 -46.18 -3.13 4.86
CA GLU E 171 -46.28 -1.70 5.14
C GLU E 171 -45.05 -0.93 4.66
N GLY E 172 -44.27 -1.53 3.75
CA GLY E 172 -43.12 -0.86 3.17
C GLY E 172 -41.82 -1.01 3.93
N TYR E 173 -41.75 -1.89 4.91
CA TYR E 173 -40.50 -2.12 5.62
C TYR E 173 -40.46 -3.56 6.11
N ARG E 174 -39.27 -3.99 6.54
CA ARG E 174 -39.05 -5.33 7.02
C ARG E 174 -38.59 -5.26 8.47
N ILE E 175 -38.91 -6.31 9.24
CA ILE E 175 -38.58 -6.37 10.66
C ILE E 175 -37.50 -7.42 10.87
N VAL E 176 -36.50 -7.07 11.69
CA VAL E 176 -35.42 -7.99 12.02
C VAL E 176 -35.96 -9.05 12.99
N ASN E 177 -35.68 -10.31 12.69
CA ASN E 177 -36.21 -11.43 13.45
C ASN E 177 -35.37 -11.73 14.69
N GLU E 178 -35.97 -12.47 15.61
CA GLU E 178 -35.26 -12.92 16.80
C GLU E 178 -33.99 -13.68 16.43
N GLY E 179 -32.95 -13.50 17.24
CA GLY E 179 -31.68 -14.15 17.03
C GLY E 179 -30.64 -13.30 16.33
N PHE E 180 -30.97 -12.06 16.00
CA PHE E 180 -29.98 -11.18 15.36
C PHE E 180 -28.73 -11.10 16.20
N LYS E 181 -27.58 -11.16 15.53
CA LYS E 181 -26.29 -11.12 16.20
C LYS E 181 -25.51 -9.94 15.65
N LEU E 182 -25.02 -9.07 16.53
CA LEU E 182 -24.21 -7.94 16.11
C LEU E 182 -22.76 -8.38 16.03
N THR E 183 -22.13 -8.24 14.85
CA THR E 183 -20.75 -8.69 14.71
C THR E 183 -19.74 -7.57 14.60
N VAL E 184 -20.14 -6.40 14.09
CA VAL E 184 -19.30 -5.21 14.07
C VAL E 184 -20.21 -4.04 14.42
N GLY E 185 -19.93 -3.36 15.53
CA GLY E 185 -20.81 -2.29 15.96
C GLY E 185 -20.71 -1.05 15.08
N VAL E 186 -19.50 -0.74 14.61
CA VAL E 186 -19.23 0.47 13.84
C VAL E 186 -18.14 0.21 12.81
N ASP E 187 -18.43 0.52 11.55
CA ASP E 187 -17.46 0.85 10.52
C ASP E 187 -17.65 2.33 10.21
N ALA E 188 -16.58 3.04 9.91
CA ALA E 188 -16.76 4.40 9.46
C ALA E 188 -17.03 4.38 7.96
N VAL E 189 -18.06 5.11 7.51
CA VAL E 189 -18.51 5.04 6.12
C VAL E 189 -18.83 6.42 5.61
N TRP E 190 -18.79 6.56 4.30
CA TRP E 190 -19.21 7.81 3.69
C TRP E 190 -20.73 7.81 3.61
N GLY E 191 -21.35 8.81 4.24
CA GLY E 191 -22.78 8.85 4.41
C GLY E 191 -23.51 9.19 3.13
N PRO E 192 -24.44 8.31 2.72
CA PRO E 192 -25.29 8.46 1.54
C PRO E 192 -26.31 9.59 1.71
#